data_7U1I
#
_entry.id   7U1I
#
_cell.length_a   98.316
_cell.length_b   52.688
_cell.length_c   127.844
_cell.angle_alpha   90.000
_cell.angle_beta   95.193
_cell.angle_gamma   90.000
#
_symmetry.space_group_name_H-M   'P 1 21 1'
#
loop_
_entity.id
_entity.type
_entity.pdbx_description
1 polymer Vicilin
2 water water
#
_entity_poly.entity_id   1
_entity_poly.type   'polypeptide(L)'
_entity_poly.pdbx_seq_one_letter_code
;MGSSHHHHHHLVPRGSHMMSRSDQENPFIFKSNRFQTLYENENGHIRLLQKFDKRSKIFENLQNYRLLEYKSKPHTLFLP
QYTDADFILVVLSGKATLTVLKSNDRNSFNLERGDAIKLPAGTIAYLANRDDNEDLRVLDLAIPVNKPGQLQSFLLSGTQ
NQPSLLSGFSKNILEAAFNTNYEEIEKVLLEQQEQEPQHRRSLKDRRQEINEENVIVKVSREQIEELSKNAKSSSKKSVS
SESGPFNLRSRNPIYSNKFGKFFEITPEKNQQLQDLDIFVNSVDIKEGSLLLPNYNSRAIVIVTVTEGKGDFELVGQRNE
NQGKENDKEEEQEEETSKQVQLYRAKLSPGDVFVIPAGHPVAINASSDLNLIGFGINAENNERNFLAGEEDNVISQVERP
VKELAFPGSSHEVDRLLKNQKQSYFANA
;
_entity_poly.pdbx_strand_id   A,B,C
#
# COMPACT_ATOMS: atom_id res chain seq x y z
N GLU A 25 7.52 31.77 -1.04
CA GLU A 25 8.18 30.52 -1.54
C GLU A 25 8.58 29.65 -0.35
N ASN A 26 7.73 29.61 0.68
CA ASN A 26 7.72 28.57 1.77
C ASN A 26 6.51 27.67 1.52
N PRO A 27 6.72 26.43 1.04
CA PRO A 27 5.60 25.59 0.65
C PRO A 27 4.89 24.91 1.83
N PHE A 28 5.45 25.03 3.03
CA PHE A 28 5.06 24.28 4.26
C PHE A 28 3.93 24.99 5.01
N ILE A 29 3.83 26.32 4.92
CA ILE A 29 2.75 27.11 5.58
C ILE A 29 1.53 27.16 4.64
N PHE A 30 0.43 26.54 5.05
CA PHE A 30 -0.90 26.75 4.44
C PHE A 30 -1.69 27.71 5.34
N LYS A 31 -1.58 29.02 5.10
CA LYS A 31 -2.34 30.04 5.86
C LYS A 31 -3.81 29.69 5.79
N SER A 32 -4.56 29.98 6.86
CA SER A 32 -6.04 29.86 6.89
C SER A 32 -6.63 30.22 5.52
N ASN A 33 -6.17 31.31 4.90
CA ASN A 33 -6.66 31.81 3.58
C ASN A 33 -6.93 30.61 2.66
N ARG A 34 -6.07 29.57 2.69
CA ARG A 34 -6.07 28.43 1.71
C ARG A 34 -7.22 27.44 1.99
N PHE A 35 -8.10 27.73 2.95
CA PHE A 35 -9.36 26.99 3.19
C PHE A 35 -10.42 27.49 2.19
N GLN A 36 -11.10 26.58 1.49
CA GLN A 36 -12.21 26.89 0.56
C GLN A 36 -13.52 26.50 1.24
N THR A 37 -14.52 27.37 1.23
CA THR A 37 -15.80 27.14 1.96
C THR A 37 -16.70 26.23 1.14
N LEU A 38 -16.65 24.92 1.40
CA LEU A 38 -17.53 23.92 0.75
C LEU A 38 -18.99 24.34 0.93
N TYR A 39 -19.36 24.78 2.13
CA TYR A 39 -20.75 25.15 2.48
C TYR A 39 -20.77 26.12 3.66
N GLU A 40 -21.60 27.14 3.54
CA GLU A 40 -21.82 28.18 4.58
C GLU A 40 -23.31 28.50 4.64
N ASN A 41 -23.83 28.74 5.84
CA ASN A 41 -25.17 29.32 6.09
C ASN A 41 -25.16 29.89 7.49
N GLU A 42 -26.23 30.62 7.86
CA GLU A 42 -26.44 31.28 9.17
C GLU A 42 -26.12 30.30 10.32
N ASN A 43 -26.09 28.98 10.10
CA ASN A 43 -26.02 27.98 11.19
C ASN A 43 -24.61 27.36 11.31
N GLY A 44 -23.79 27.36 10.26
CA GLY A 44 -22.41 26.83 10.34
C GLY A 44 -21.61 26.95 9.05
N HIS A 45 -20.44 26.34 9.02
CA HIS A 45 -19.44 26.37 7.91
C HIS A 45 -18.84 24.98 7.74
N ILE A 46 -18.33 24.64 6.54
CA ILE A 46 -17.46 23.46 6.30
C ILE A 46 -16.36 23.89 5.33
N ARG A 47 -15.14 24.05 5.83
CA ARG A 47 -13.96 24.43 5.01
C ARG A 47 -13.20 23.16 4.61
N LEU A 48 -12.55 23.19 3.42
CA LEU A 48 -11.69 22.10 2.85
C LEU A 48 -10.35 22.70 2.43
N LEU A 49 -9.25 22.32 3.10
CA LEU A 49 -7.89 22.81 2.78
C LEU A 49 -7.52 22.39 1.36
N GLN A 50 -6.75 23.23 0.69
CA GLN A 50 -6.11 23.00 -0.62
C GLN A 50 -5.43 21.62 -0.65
N LYS A 51 -5.70 20.79 -1.67
CA LYS A 51 -4.89 19.58 -1.97
C LYS A 51 -3.42 19.92 -1.71
N PHE A 52 -2.71 19.12 -0.93
CA PHE A 52 -1.30 19.37 -0.56
C PHE A 52 -0.42 19.30 -1.82
N ASP A 53 -0.61 18.28 -2.66
CA ASP A 53 0.12 18.15 -3.94
C ASP A 53 -0.26 19.30 -4.88
N LYS A 54 -1.32 20.06 -4.59
CA LYS A 54 -1.69 21.24 -5.41
C LYS A 54 -0.74 22.37 -5.04
N ARG A 55 -0.37 22.48 -3.77
CA ARG A 55 0.66 23.46 -3.30
C ARG A 55 1.99 23.20 -4.01
N SER A 56 2.47 21.96 -4.01
CA SER A 56 3.86 21.61 -4.38
C SER A 56 3.98 20.10 -4.55
N LYS A 57 4.95 19.64 -5.34
CA LYS A 57 5.20 18.21 -5.63
C LYS A 57 6.02 17.60 -4.49
N ILE A 58 6.36 18.40 -3.46
CA ILE A 58 6.89 17.90 -2.16
C ILE A 58 5.83 17.01 -1.49
N PHE A 59 4.55 17.35 -1.68
CA PHE A 59 3.40 16.74 -0.96
C PHE A 59 2.65 15.70 -1.82
N GLU A 60 3.32 15.08 -2.79
CA GLU A 60 2.84 13.89 -3.55
C GLU A 60 2.48 12.74 -2.59
N ASN A 61 2.96 12.73 -1.35
CA ASN A 61 2.74 11.59 -0.41
C ASN A 61 1.65 11.98 0.60
N LEU A 62 1.19 13.24 0.57
CA LEU A 62 -0.03 13.68 1.31
C LEU A 62 -1.16 13.80 0.29
N GLN A 63 -0.90 13.44 -0.95
CA GLN A 63 -1.90 13.30 -2.05
C GLN A 63 -3.29 12.95 -1.52
N ASN A 64 -3.39 11.85 -0.76
CA ASN A 64 -4.71 11.28 -0.39
C ASN A 64 -5.03 11.59 1.06
N TYR A 65 -4.60 12.76 1.56
CA TYR A 65 -5.09 13.31 2.85
C TYR A 65 -5.72 14.69 2.57
N ARG A 66 -6.89 14.91 3.17
CA ARG A 66 -7.63 16.21 3.13
C ARG A 66 -7.89 16.65 4.58
N LEU A 67 -7.83 17.96 4.85
CA LEU A 67 -8.32 18.57 6.12
C LEU A 67 -9.64 19.28 5.85
N LEU A 68 -10.55 19.27 6.84
CA LEU A 68 -11.78 20.08 6.87
C LEU A 68 -12.03 20.61 8.30
N GLU A 69 -12.44 21.88 8.44
CA GLU A 69 -13.01 22.45 9.69
C GLU A 69 -14.53 22.25 9.58
N TYR A 70 -15.20 21.93 10.68
CA TYR A 70 -16.67 22.02 10.86
C TYR A 70 -16.91 22.98 12.03
N LYS A 71 -17.52 24.15 11.77
CA LYS A 71 -18.01 25.08 12.81
C LYS A 71 -19.53 25.28 12.64
N SER A 72 -20.28 25.13 13.74
CA SER A 72 -21.75 25.32 13.81
C SER A 72 -22.15 25.96 15.13
N LYS A 73 -23.20 26.77 15.10
CA LYS A 73 -23.59 27.66 16.21
C LYS A 73 -24.45 26.83 17.15
N PRO A 74 -24.68 27.29 18.39
CA PRO A 74 -25.43 26.50 19.35
C PRO A 74 -26.79 26.05 18.79
N HIS A 75 -27.18 24.82 19.11
CA HIS A 75 -28.52 24.26 18.80
C HIS A 75 -28.69 24.21 17.27
N THR A 76 -27.74 23.52 16.61
CA THR A 76 -27.69 23.27 15.14
C THR A 76 -27.19 21.84 14.86
N LEU A 77 -27.58 21.27 13.71
CA LEU A 77 -27.28 19.84 13.39
C LEU A 77 -26.95 19.69 11.90
N PHE A 78 -25.76 19.14 11.60
CA PHE A 78 -25.34 18.72 10.24
C PHE A 78 -26.15 17.47 9.93
N LEU A 79 -27.16 17.57 9.07
CA LEU A 79 -28.17 16.50 8.86
C LEU A 79 -27.48 15.23 8.39
N PRO A 80 -28.14 14.06 8.49
CA PRO A 80 -27.59 12.82 7.97
C PRO A 80 -26.88 12.95 6.61
N GLN A 81 -25.74 12.27 6.51
CA GLN A 81 -24.86 12.27 5.33
C GLN A 81 -23.72 11.29 5.60
N TYR A 82 -23.28 10.55 4.58
CA TYR A 82 -22.03 9.76 4.58
C TYR A 82 -21.10 10.29 3.49
N THR A 83 -19.91 9.70 3.36
CA THR A 83 -18.81 10.20 2.49
C THR A 83 -17.85 9.06 2.16
N ASP A 84 -17.36 8.97 0.92
CA ASP A 84 -16.48 7.86 0.47
C ASP A 84 -15.07 8.07 1.02
N ALA A 85 -14.93 8.36 2.31
CA ALA A 85 -13.62 8.66 2.93
C ALA A 85 -13.65 8.36 4.43
N ASP A 86 -12.65 7.63 4.91
CA ASP A 86 -12.40 7.48 6.37
C ASP A 86 -12.13 8.88 6.93
N PHE A 87 -12.82 9.25 8.02
CA PHE A 87 -12.64 10.53 8.75
C PHE A 87 -12.11 10.23 10.15
N ILE A 88 -11.15 11.03 10.60
CA ILE A 88 -10.72 11.14 12.02
C ILE A 88 -11.12 12.51 12.53
N LEU A 89 -12.25 12.58 13.25
CA LEU A 89 -12.76 13.80 13.94
C LEU A 89 -11.95 14.07 15.20
N VAL A 90 -11.59 15.33 15.41
CA VAL A 90 -11.04 15.90 16.67
C VAL A 90 -11.87 17.14 17.00
N VAL A 91 -12.68 17.09 18.05
CA VAL A 91 -13.46 18.28 18.52
C VAL A 91 -12.43 19.24 19.15
N LEU A 92 -12.26 20.44 18.60
CA LEU A 92 -11.21 21.41 19.01
C LEU A 92 -11.72 22.22 20.20
N SER A 93 -13.04 22.37 20.30
CA SER A 93 -13.76 23.26 21.24
C SER A 93 -15.26 23.11 21.04
N GLY A 94 -16.06 23.57 22.01
CA GLY A 94 -17.52 23.41 22.01
C GLY A 94 -17.94 22.05 22.49
N LYS A 95 -19.25 21.79 22.46
CA LYS A 95 -19.88 20.52 22.92
C LYS A 95 -20.80 20.00 21.81
N ALA A 96 -20.50 18.79 21.30
CA ALA A 96 -21.22 18.10 20.20
C ALA A 96 -21.91 16.84 20.73
N THR A 97 -23.02 16.49 20.11
CA THR A 97 -23.64 15.14 20.14
C THR A 97 -23.43 14.54 18.75
N LEU A 98 -22.56 13.55 18.65
CA LEU A 98 -22.28 12.83 17.39
C LEU A 98 -23.05 11.49 17.43
N THR A 99 -24.13 11.39 16.67
CA THR A 99 -24.84 10.11 16.43
C THR A 99 -24.18 9.42 15.24
N VAL A 100 -23.96 8.12 15.31
CA VAL A 100 -23.38 7.31 14.20
C VAL A 100 -24.33 6.14 13.92
N LEU A 101 -24.69 5.92 12.65
CA LEU A 101 -25.60 4.83 12.24
C LEU A 101 -24.78 3.74 11.59
N LYS A 102 -25.32 2.53 11.64
CA LYS A 102 -24.81 1.33 10.93
C LYS A 102 -26.02 0.73 10.20
N SER A 103 -25.80 -0.19 9.27
CA SER A 103 -26.88 -0.85 8.50
C SER A 103 -28.06 -1.20 9.41
N ASN A 104 -27.81 -1.43 10.70
CA ASN A 104 -28.72 -2.18 11.61
C ASN A 104 -28.68 -1.67 13.05
N ASP A 105 -28.09 -0.50 13.31
CA ASP A 105 -27.83 -0.05 14.71
C ASP A 105 -27.61 1.46 14.69
N ARG A 106 -27.44 2.06 15.87
CA ARG A 106 -27.26 3.51 16.07
C ARG A 106 -26.69 3.75 17.47
N ASN A 107 -25.68 4.60 17.59
CA ASN A 107 -24.98 4.90 18.87
C ASN A 107 -24.68 6.38 18.92
N SER A 108 -25.08 7.03 20.02
CA SER A 108 -24.87 8.48 20.27
C SER A 108 -23.61 8.68 21.12
N PHE A 109 -22.98 9.85 20.98
CA PHE A 109 -21.74 10.27 21.68
C PHE A 109 -21.74 11.78 21.89
N ASN A 110 -21.67 12.23 23.15
CA ASN A 110 -21.43 13.66 23.51
C ASN A 110 -19.93 13.86 23.59
N LEU A 111 -19.42 14.91 22.97
CA LEU A 111 -17.97 15.14 22.80
C LEU A 111 -17.62 16.54 23.30
N GLU A 112 -16.44 16.70 23.91
CA GLU A 112 -15.91 17.97 24.46
C GLU A 112 -14.59 18.27 23.72
N ARG A 113 -13.81 19.28 24.13
CA ARG A 113 -12.43 19.49 23.61
C ARG A 113 -11.64 18.19 23.69
N GLY A 114 -10.83 17.89 22.67
CA GLY A 114 -9.85 16.79 22.67
C GLY A 114 -10.46 15.44 22.29
N ASP A 115 -11.80 15.34 22.17
CA ASP A 115 -12.48 14.06 21.84
C ASP A 115 -12.31 13.78 20.35
N ALA A 116 -11.76 12.61 20.03
CA ALA A 116 -11.36 12.17 18.67
C ALA A 116 -11.97 10.79 18.37
N ILE A 117 -12.58 10.62 17.21
CA ILE A 117 -13.21 9.33 16.77
C ILE A 117 -13.01 9.18 15.28
N LYS A 118 -12.75 7.96 14.80
CA LYS A 118 -12.66 7.61 13.35
C LYS A 118 -14.05 7.21 12.86
N LEU A 119 -14.55 7.85 11.80
CA LEU A 119 -15.83 7.49 11.13
C LEU A 119 -15.49 6.93 9.75
N PRO A 120 -15.49 5.59 9.58
CA PRO A 120 -15.17 4.98 8.29
C PRO A 120 -16.07 5.40 7.10
N ALA A 121 -15.46 5.52 5.92
CA ALA A 121 -16.18 5.72 4.63
C ALA A 121 -17.52 5.00 4.68
N GLY A 122 -18.57 5.67 4.19
CA GLY A 122 -19.92 5.07 4.10
C GLY A 122 -20.73 5.24 5.37
N THR A 123 -20.14 5.77 6.43
CA THR A 123 -20.81 5.84 7.75
C THR A 123 -21.73 7.07 7.75
N ILE A 124 -23.03 6.85 7.61
CA ILE A 124 -24.06 7.90 7.84
C ILE A 124 -23.92 8.36 9.29
N ALA A 125 -23.80 9.67 9.53
CA ALA A 125 -23.82 10.26 10.89
C ALA A 125 -24.41 11.66 10.84
N TYR A 126 -24.66 12.25 12.02
CA TYR A 126 -25.09 13.67 12.21
C TYR A 126 -24.52 14.22 13.52
N LEU A 127 -24.22 15.53 13.53
CA LEU A 127 -23.36 16.21 14.55
C LEU A 127 -24.00 17.54 14.97
N ALA A 128 -24.60 17.60 16.16
CA ALA A 128 -25.32 18.81 16.65
C ALA A 128 -24.52 19.46 17.76
N ASN A 129 -24.38 20.79 17.75
CA ASN A 129 -23.76 21.55 18.86
C ASN A 129 -24.78 21.69 19.99
N ARG A 130 -24.69 20.79 20.98
CA ARG A 130 -25.62 20.69 22.13
C ARG A 130 -25.37 21.83 23.14
N ASP A 131 -24.22 22.51 23.10
CA ASP A 131 -23.94 23.69 23.96
C ASP A 131 -24.94 24.81 23.58
N ASP A 132 -25.25 25.70 24.53
CA ASP A 132 -26.30 26.76 24.41
C ASP A 132 -25.68 28.05 23.88
N ASN A 133 -24.53 28.46 24.42
CA ASN A 133 -23.88 29.77 24.14
C ASN A 133 -22.76 29.56 23.11
N GLU A 134 -21.90 28.59 23.37
CA GLU A 134 -20.62 28.42 22.66
C GLU A 134 -20.89 27.70 21.33
N ASP A 135 -20.10 28.06 20.33
CA ASP A 135 -19.99 27.39 19.01
C ASP A 135 -19.35 26.00 19.23
N LEU A 136 -19.32 25.20 18.17
CA LEU A 136 -18.65 23.88 18.10
C LEU A 136 -17.63 23.97 16.97
N ARG A 137 -16.44 23.44 17.18
CA ARG A 137 -15.35 23.45 16.16
C ARG A 137 -14.83 22.02 16.05
N VAL A 138 -14.47 21.58 14.85
CA VAL A 138 -14.07 20.17 14.60
C VAL A 138 -13.10 20.13 13.42
N LEU A 139 -11.92 19.53 13.63
CA LEU A 139 -10.89 19.28 12.59
C LEU A 139 -10.98 17.81 12.17
N ASP A 140 -11.05 17.55 10.86
CA ASP A 140 -11.32 16.22 10.26
C ASP A 140 -10.18 15.85 9.31
N LEU A 141 -9.63 14.66 9.47
CA LEU A 141 -8.65 14.10 8.52
C LEU A 141 -9.42 13.16 7.60
N ALA A 142 -9.66 13.59 6.37
CA ALA A 142 -10.44 12.82 5.38
C ALA A 142 -9.48 12.02 4.50
N ILE A 143 -9.79 10.74 4.32
CA ILE A 143 -8.99 9.77 3.53
C ILE A 143 -9.95 9.20 2.49
N PRO A 144 -10.07 9.83 1.31
CA PRO A 144 -10.98 9.34 0.26
C PRO A 144 -10.62 7.92 -0.23
N VAL A 145 -11.64 7.10 -0.49
CA VAL A 145 -11.52 5.63 -0.76
C VAL A 145 -11.52 5.36 -2.27
N ASN A 146 -12.18 6.21 -3.09
CA ASN A 146 -12.55 5.90 -4.50
C ASN A 146 -11.59 6.47 -5.55
N LYS A 147 -10.85 7.53 -5.22
CA LYS A 147 -10.04 8.31 -6.19
C LYS A 147 -9.18 9.28 -5.40
N PRO A 148 -7.83 9.23 -5.57
CA PRO A 148 -6.91 9.89 -4.64
C PRO A 148 -7.29 11.36 -4.35
N GLY A 149 -7.54 11.62 -3.07
CA GLY A 149 -7.64 12.97 -2.49
C GLY A 149 -8.90 13.69 -2.92
N GLN A 150 -9.89 12.97 -3.43
CA GLN A 150 -11.18 13.56 -3.87
C GLN A 150 -12.28 12.91 -3.03
N LEU A 151 -12.85 13.65 -2.08
CA LEU A 151 -14.00 13.17 -1.29
C LEU A 151 -15.29 13.43 -2.07
N GLN A 152 -16.34 12.67 -1.77
CA GLN A 152 -17.72 12.91 -2.26
C GLN A 152 -18.68 12.68 -1.09
N SER A 153 -19.51 13.66 -0.77
CA SER A 153 -20.59 13.53 0.25
C SER A 153 -21.85 12.97 -0.40
N PHE A 154 -22.69 12.30 0.40
CA PHE A 154 -24.06 11.88 0.02
C PHE A 154 -25.01 12.34 1.13
N LEU A 155 -26.04 13.11 0.75
CA LEU A 155 -27.04 13.73 1.66
C LEU A 155 -28.31 12.88 1.64
N LEU A 156 -28.90 12.58 2.80
CA LEU A 156 -30.29 12.09 2.88
C LEU A 156 -31.25 13.28 2.74
N SER A 157 -31.13 14.25 3.65
CA SER A 157 -31.60 15.65 3.51
C SER A 157 -31.54 16.05 2.03
N GLY A 158 -32.63 16.62 1.51
CA GLY A 158 -32.72 17.05 0.10
C GLY A 158 -33.39 18.40 -0.01
N THR A 159 -33.26 19.04 -1.17
CA THR A 159 -33.90 20.34 -1.49
C THR A 159 -34.43 20.30 -2.95
N GLN A 160 -34.19 21.37 -3.73
CA GLN A 160 -34.63 21.50 -5.14
C GLN A 160 -33.47 22.00 -6.02
N ASN A 161 -32.67 22.94 -5.52
CA ASN A 161 -31.36 23.30 -6.14
C ASN A 161 -30.29 22.32 -5.63
N GLN A 162 -30.70 21.18 -5.08
CA GLN A 162 -29.81 20.04 -4.67
C GLN A 162 -30.68 18.84 -4.22
N PRO A 163 -31.27 18.10 -5.18
CA PRO A 163 -32.02 16.89 -4.83
C PRO A 163 -31.09 15.94 -4.07
N SER A 164 -31.68 15.08 -3.21
CA SER A 164 -31.00 14.10 -2.31
C SER A 164 -30.53 12.89 -3.11
N LEU A 165 -29.79 11.97 -2.47
CA LEU A 165 -29.25 10.77 -3.16
C LEU A 165 -30.43 9.94 -3.72
N LEU A 166 -31.58 9.90 -3.03
CA LEU A 166 -32.77 9.08 -3.42
C LEU A 166 -33.43 9.67 -4.68
N SER A 167 -33.40 11.00 -4.83
CA SER A 167 -33.80 11.73 -6.07
C SER A 167 -33.05 11.12 -7.24
N GLY A 168 -31.76 10.82 -7.07
CA GLY A 168 -30.94 10.07 -8.02
C GLY A 168 -31.72 8.99 -8.74
N PHE A 169 -32.35 8.06 -8.02
CA PHE A 169 -33.05 6.88 -8.62
C PHE A 169 -34.30 7.32 -9.35
N SER A 170 -34.60 6.66 -10.47
CA SER A 170 -35.83 6.78 -11.28
C SER A 170 -37.10 6.54 -10.45
N LYS A 171 -38.23 7.09 -10.89
CA LYS A 171 -39.59 6.73 -10.41
C LYS A 171 -39.68 5.21 -10.21
N ASN A 172 -39.55 4.43 -11.30
CA ASN A 172 -39.75 2.96 -11.38
C ASN A 172 -39.00 2.21 -10.24
N ILE A 173 -37.75 2.57 -9.95
CA ILE A 173 -36.95 1.97 -8.84
C ILE A 173 -37.50 2.48 -7.50
N LEU A 174 -37.70 3.79 -7.37
CA LEU A 174 -38.18 4.40 -6.10
C LEU A 174 -39.49 3.70 -5.66
N GLU A 175 -40.39 3.39 -6.60
CA GLU A 175 -41.69 2.80 -6.24
C GLU A 175 -41.49 1.34 -5.85
N ALA A 176 -40.82 0.55 -6.69
CA ALA A 176 -40.42 -0.84 -6.40
C ALA A 176 -39.71 -0.87 -5.06
N ALA A 177 -38.66 -0.07 -4.96
CA ALA A 177 -37.75 0.06 -3.80
C ALA A 177 -38.57 0.23 -2.52
N PHE A 178 -39.36 1.29 -2.47
CA PHE A 178 -40.01 1.78 -1.23
C PHE A 178 -41.44 1.23 -1.17
N ASN A 179 -41.92 0.69 -2.29
CA ASN A 179 -43.24 0.04 -2.35
C ASN A 179 -44.28 1.09 -1.95
N THR A 180 -44.13 2.28 -2.52
CA THR A 180 -44.93 3.51 -2.34
C THR A 180 -45.10 4.15 -3.72
N ASN A 181 -46.19 4.90 -3.94
CA ASN A 181 -46.33 5.65 -5.20
C ASN A 181 -45.45 6.91 -5.13
N TYR A 182 -44.94 7.33 -6.29
CA TYR A 182 -44.05 8.51 -6.41
C TYR A 182 -44.67 9.72 -5.70
N GLU A 183 -45.98 9.90 -5.79
CA GLU A 183 -46.71 11.05 -5.19
C GLU A 183 -46.27 11.24 -3.72
N GLU A 184 -46.16 10.16 -2.95
CA GLU A 184 -45.89 10.21 -1.49
C GLU A 184 -44.39 10.07 -1.18
N ILE A 185 -43.64 9.31 -1.99
CA ILE A 185 -42.16 9.22 -1.87
C ILE A 185 -41.62 10.64 -2.02
N GLU A 186 -42.17 11.37 -2.99
CA GLU A 186 -41.72 12.75 -3.34
C GLU A 186 -42.07 13.66 -2.16
N LYS A 187 -43.30 13.58 -1.68
CA LYS A 187 -43.88 14.47 -0.63
C LYS A 187 -43.20 14.22 0.71
N VAL A 188 -43.00 12.96 1.07
CA VAL A 188 -42.55 12.54 2.42
C VAL A 188 -41.03 12.60 2.52
N LEU A 189 -40.29 12.27 1.44
CA LEU A 189 -38.82 12.00 1.47
C LEU A 189 -37.99 13.03 0.70
N LEU A 190 -38.35 13.38 -0.53
CA LEU A 190 -37.43 14.07 -1.49
C LEU A 190 -37.54 15.61 -1.43
N GLU A 191 -38.74 16.19 -1.65
CA GLU A 191 -38.98 17.66 -1.81
C GLU A 191 -40.25 18.11 -1.08
N GLN A 192 -40.23 19.32 -0.50
CA GLN A 192 -41.40 20.01 0.11
C GLN A 192 -42.08 19.08 1.11
N ASN A 214 -29.86 24.13 3.40
CA ASN A 214 -29.93 23.39 4.69
C ASN A 214 -29.29 21.99 4.52
N VAL A 215 -28.02 21.94 4.95
CA VAL A 215 -27.31 20.71 5.43
C VAL A 215 -26.87 21.00 6.88
N ILE A 216 -27.27 22.15 7.43
CA ILE A 216 -27.07 22.54 8.86
C ILE A 216 -28.23 23.45 9.28
N VAL A 217 -29.06 23.01 10.23
CA VAL A 217 -30.38 23.64 10.53
C VAL A 217 -30.50 23.93 12.03
N LYS A 218 -30.96 25.13 12.37
CA LYS A 218 -31.46 25.47 13.72
C LYS A 218 -32.26 24.25 14.21
N VAL A 219 -32.09 23.89 15.49
CA VAL A 219 -32.85 22.81 16.17
C VAL A 219 -33.18 23.31 17.59
N SER A 220 -34.30 22.85 18.14
CA SER A 220 -34.91 23.31 19.42
C SER A 220 -34.12 22.76 20.62
N ARG A 221 -34.41 23.27 21.82
CA ARG A 221 -33.98 22.69 23.13
C ARG A 221 -34.63 21.32 23.31
N GLU A 222 -35.97 21.25 23.21
CA GLU A 222 -36.74 19.99 23.24
C GLU A 222 -35.97 18.93 22.44
N GLN A 223 -35.57 19.24 21.21
CA GLN A 223 -34.94 18.28 20.25
C GLN A 223 -33.52 17.91 20.67
N ILE A 224 -32.69 18.90 20.98
CA ILE A 224 -31.25 18.68 21.29
C ILE A 224 -31.09 17.88 22.58
N GLU A 225 -32.02 18.00 23.55
CA GLU A 225 -31.98 17.21 24.82
C GLU A 225 -32.31 15.74 24.49
N GLU A 226 -33.22 15.52 23.54
CA GLU A 226 -33.64 14.16 23.12
C GLU A 226 -32.48 13.47 22.39
N LEU A 227 -31.79 14.18 21.51
CA LEU A 227 -30.58 13.67 20.79
C LEU A 227 -29.52 13.21 21.79
N SER A 228 -29.35 13.96 22.89
CA SER A 228 -28.24 13.80 23.88
C SER A 228 -28.55 12.77 24.94
N LYS A 229 -29.79 12.66 25.41
CA LYS A 229 -30.21 11.61 26.38
C LYS A 229 -29.68 10.25 25.92
N ASN A 230 -29.17 9.44 26.85
CA ASN A 230 -28.63 8.07 26.59
C ASN A 230 -27.15 8.15 26.16
N ALA A 231 -26.84 8.99 25.17
CA ALA A 231 -25.52 9.19 24.51
C ALA A 231 -24.36 9.08 25.51
N LYS A 232 -23.25 8.47 25.09
CA LYS A 232 -22.05 8.16 25.93
C LYS A 232 -21.01 9.29 25.82
N SER A 233 -20.20 9.45 26.87
CA SER A 233 -18.98 10.31 26.89
C SER A 233 -17.74 9.44 26.61
N SER A 234 -16.53 10.00 26.70
CA SER A 234 -15.22 9.30 26.58
C SER A 234 -14.65 9.02 27.99
N SER A 235 -13.45 8.42 28.12
CA SER A 235 -12.76 8.25 29.43
C SER A 235 -11.26 7.93 29.26
N LYS A 236 -10.63 7.36 30.30
CA LYS A 236 -9.29 6.70 30.26
C LYS A 236 -9.41 5.30 29.62
N LYS A 237 -10.45 4.52 30.01
CA LYS A 237 -10.75 3.12 29.58
C LYS A 237 -11.57 3.15 28.28
N SER A 238 -11.57 4.30 27.61
CA SER A 238 -11.78 4.51 26.15
C SER A 238 -10.73 5.49 25.60
N VAL A 239 -9.47 5.40 26.06
CA VAL A 239 -8.28 6.09 25.46
C VAL A 239 -7.58 5.13 24.49
N SER A 240 -8.03 3.86 24.43
CA SER A 240 -7.63 2.82 23.45
C SER A 240 -8.86 2.09 22.88
N SER A 241 -10.07 2.62 23.13
CA SER A 241 -11.37 2.03 22.71
C SER A 241 -11.31 1.68 21.22
N GLU A 242 -12.02 0.61 20.86
CA GLU A 242 -12.08 0.11 19.47
C GLU A 242 -13.31 0.72 18.80
N SER A 243 -14.21 1.32 19.59
CA SER A 243 -15.58 1.73 19.15
C SER A 243 -15.80 3.22 19.40
N GLY A 244 -15.88 3.61 20.67
CA GLY A 244 -16.31 4.96 21.07
C GLY A 244 -15.29 6.05 20.71
N PRO A 245 -15.52 7.30 21.15
CA PRO A 245 -14.54 8.36 20.97
C PRO A 245 -13.39 8.10 21.96
N PHE A 246 -12.20 8.62 21.68
CA PHE A 246 -11.09 8.65 22.64
C PHE A 246 -10.65 10.09 22.81
N ASN A 247 -10.28 10.45 24.03
CA ASN A 247 -9.75 11.80 24.30
C ASN A 247 -8.24 11.77 24.18
N LEU A 248 -7.66 12.78 23.53
CA LEU A 248 -6.22 12.88 23.30
C LEU A 248 -5.53 12.94 24.66
N ARG A 249 -6.21 13.54 25.65
CA ARG A 249 -5.63 13.93 26.96
C ARG A 249 -6.18 13.11 28.13
N SER A 250 -6.99 12.06 27.90
CA SER A 250 -7.55 11.21 28.99
C SER A 250 -6.53 10.16 29.42
N ARG A 251 -5.31 10.23 28.90
CA ARG A 251 -4.11 9.57 29.49
C ARG A 251 -2.96 10.61 29.49
N ASN A 252 -2.04 10.50 30.45
CA ASN A 252 -0.91 11.44 30.72
C ASN A 252 -0.16 11.81 29.43
N PRO A 253 0.45 13.01 29.35
CA PRO A 253 1.19 13.42 28.16
C PRO A 253 2.59 12.78 28.13
N ILE A 254 3.11 12.58 26.92
CA ILE A 254 4.43 11.93 26.69
C ILE A 254 5.52 12.89 27.19
N TYR A 255 5.36 14.19 26.90
CA TYR A 255 6.30 15.30 27.25
C TYR A 255 5.47 16.38 27.94
N SER A 256 5.98 16.95 29.04
CA SER A 256 5.25 17.93 29.89
C SER A 256 6.16 18.58 30.93
N ASN A 257 6.24 19.91 30.93
CA ASN A 257 6.97 20.76 31.93
C ASN A 257 6.19 22.08 32.07
N LYS A 258 6.84 23.13 32.60
CA LYS A 258 6.21 24.43 32.94
C LYS A 258 5.91 25.26 31.67
N PHE A 259 6.50 24.89 30.52
CA PHE A 259 6.47 25.71 29.28
C PHE A 259 5.58 25.07 28.20
N GLY A 260 5.30 23.76 28.28
CA GLY A 260 4.43 23.11 27.27
C GLY A 260 3.90 21.76 27.68
N LYS A 261 3.05 21.18 26.82
CA LYS A 261 2.43 19.85 27.02
C LYS A 261 2.27 19.18 25.66
N PHE A 262 2.83 17.98 25.51
CA PHE A 262 2.81 17.18 24.26
C PHE A 262 2.07 15.87 24.57
N PHE A 263 0.74 15.88 24.36
CA PHE A 263 -0.13 14.67 24.29
C PHE A 263 0.02 14.03 22.90
N GLU A 264 0.09 12.70 22.81
CA GLU A 264 0.21 11.98 21.53
C GLU A 264 -0.40 10.58 21.63
N ILE A 265 -1.27 10.23 20.69
CA ILE A 265 -1.95 8.91 20.61
C ILE A 265 -1.45 8.20 19.35
N THR A 266 -0.53 7.24 19.50
CA THR A 266 -0.01 6.40 18.39
C THR A 266 -1.06 5.34 18.09
N PRO A 267 -0.98 4.69 16.91
CA PRO A 267 -1.74 3.45 16.65
C PRO A 267 -1.55 2.42 17.77
N GLU A 268 -0.31 2.28 18.26
CA GLU A 268 0.01 1.41 19.42
C GLU A 268 -1.09 1.58 20.48
N LYS A 269 -1.48 2.82 20.78
CA LYS A 269 -2.36 3.17 21.93
C LYS A 269 -3.83 3.28 21.48
N ASN A 270 -4.19 2.89 20.25
CA ASN A 270 -5.59 2.95 19.74
C ASN A 270 -5.68 2.21 18.41
N GLN A 271 -6.49 1.16 18.34
CA GLN A 271 -6.72 0.35 17.10
C GLN A 271 -7.37 1.21 16.00
N GLN A 272 -8.09 2.28 16.36
CA GLN A 272 -8.86 3.06 15.36
C GLN A 272 -7.85 3.69 14.40
N LEU A 273 -6.71 4.10 14.94
CA LEU A 273 -5.62 4.76 14.18
C LEU A 273 -4.69 3.72 13.56
N GLN A 274 -4.75 2.45 14.01
CA GLN A 274 -3.97 1.31 13.46
C GLN A 274 -4.31 1.01 11.99
N ASP A 275 -5.58 1.13 11.58
CA ASP A 275 -5.98 0.81 10.18
C ASP A 275 -5.26 1.78 9.23
N LEU A 276 -5.26 3.07 9.54
CA LEU A 276 -4.76 4.15 8.64
C LEU A 276 -3.32 4.57 8.98
N ASP A 277 -2.72 3.98 10.01
CA ASP A 277 -1.28 4.17 10.38
C ASP A 277 -1.03 5.64 10.72
N ILE A 278 -2.03 6.30 11.30
CA ILE A 278 -2.03 7.75 11.64
C ILE A 278 -1.78 7.84 13.14
N PHE A 279 -1.16 8.93 13.58
CA PHE A 279 -1.17 9.35 15.02
C PHE A 279 -1.76 10.74 15.09
N VAL A 280 -2.39 11.05 16.22
CA VAL A 280 -3.00 12.38 16.51
C VAL A 280 -2.33 12.86 17.78
N ASN A 281 -1.72 14.04 17.76
CA ASN A 281 -1.18 14.68 18.98
C ASN A 281 -1.87 16.01 19.17
N SER A 282 -1.89 16.46 20.41
CA SER A 282 -2.25 17.82 20.84
C SER A 282 -1.05 18.35 21.62
N VAL A 283 -0.64 19.59 21.31
CA VAL A 283 0.62 20.22 21.82
C VAL A 283 0.24 21.62 22.30
N ASP A 284 0.41 21.92 23.59
CA ASP A 284 0.31 23.29 24.15
C ASP A 284 1.72 23.85 24.33
N ILE A 285 2.01 25.04 23.81
CA ILE A 285 3.26 25.81 24.10
C ILE A 285 2.87 27.14 24.74
N LYS A 286 3.22 27.33 26.02
CA LYS A 286 2.91 28.54 26.83
C LYS A 286 3.62 29.76 26.23
N GLU A 287 2.92 30.90 26.22
CA GLU A 287 3.44 32.26 25.94
C GLU A 287 4.93 32.33 26.32
N GLY A 288 5.74 32.85 25.39
CA GLY A 288 7.17 33.10 25.59
C GLY A 288 7.88 31.82 25.95
N SER A 289 7.55 30.75 25.22
CA SER A 289 8.19 29.41 25.31
C SER A 289 8.34 28.81 23.89
N LEU A 290 8.78 27.56 23.84
CA LEU A 290 9.41 26.94 22.66
C LEU A 290 9.20 25.42 22.70
N LEU A 291 8.68 24.83 21.61
CA LEU A 291 8.88 23.38 21.33
C LEU A 291 10.30 23.23 20.78
N LEU A 292 11.21 22.71 21.60
CA LEU A 292 12.67 22.59 21.31
C LEU A 292 12.91 21.88 19.98
N PRO A 293 14.03 22.20 19.28
CA PRO A 293 14.37 21.54 18.03
C PRO A 293 14.33 20.01 18.08
N ASN A 294 13.54 19.42 17.16
CA ASN A 294 13.22 17.97 17.06
C ASN A 294 12.82 17.64 15.62
N TYR A 295 13.05 16.41 15.18
CA TYR A 295 12.49 15.85 13.92
C TYR A 295 11.70 14.57 14.26
N ASN A 296 10.83 14.15 13.33
CA ASN A 296 10.19 12.81 13.32
C ASN A 296 11.03 11.88 12.42
N SER A 297 11.19 10.61 12.80
CA SER A 297 12.11 9.69 12.09
C SER A 297 11.53 9.33 10.72
N ARG A 298 10.21 9.15 10.62
CA ARG A 298 9.55 8.60 9.40
C ARG A 298 8.11 9.11 9.21
N ALA A 299 7.60 9.95 10.10
CA ALA A 299 6.20 10.38 10.10
C ALA A 299 6.11 11.80 9.54
N ILE A 300 5.20 11.99 8.59
CA ILE A 300 4.81 13.31 8.01
C ILE A 300 3.71 13.83 8.91
N VAL A 301 3.70 15.12 9.27
CA VAL A 301 2.70 15.66 10.24
C VAL A 301 2.00 16.87 9.63
N ILE A 302 0.68 16.78 9.54
CA ILE A 302 -0.22 17.92 9.17
C ILE A 302 -0.65 18.63 10.46
N VAL A 303 0.02 19.72 10.81
CA VAL A 303 -0.20 20.52 12.05
C VAL A 303 -1.21 21.66 11.78
N THR A 304 -2.20 21.83 12.67
CA THR A 304 -3.27 22.87 12.60
C THR A 304 -3.23 23.72 13.88
N VAL A 305 -3.61 25.00 13.80
CA VAL A 305 -3.56 25.92 14.98
C VAL A 305 -4.98 26.15 15.51
N THR A 306 -5.22 25.74 16.76
CA THR A 306 -6.55 25.75 17.44
C THR A 306 -6.80 27.14 18.04
N GLU A 307 -6.02 27.52 19.06
CA GLU A 307 -5.98 28.89 19.66
C GLU A 307 -4.51 29.35 19.68
N GLY A 308 -4.27 30.64 19.99
CA GLY A 308 -2.93 31.22 20.22
C GLY A 308 -2.29 31.75 18.95
N LYS A 309 -1.14 32.42 19.10
CA LYS A 309 -0.23 32.81 17.98
C LYS A 309 1.20 32.42 18.33
N GLY A 310 2.02 32.22 17.30
CA GLY A 310 3.44 31.87 17.38
C GLY A 310 4.05 31.85 15.99
N ASP A 311 5.00 30.93 15.77
CA ASP A 311 5.70 30.77 14.48
C ASP A 311 6.57 29.52 14.58
N PHE A 312 6.93 28.95 13.41
CA PHE A 312 7.75 27.72 13.29
C PHE A 312 8.97 27.99 12.40
N GLU A 313 10.05 27.26 12.68
CA GLU A 313 11.27 27.20 11.84
C GLU A 313 11.49 25.75 11.43
N LEU A 314 11.47 25.47 10.12
CA LEU A 314 11.68 24.12 9.54
C LEU A 314 12.96 24.12 8.69
N VAL A 315 13.90 23.24 9.00
CA VAL A 315 15.16 23.05 8.21
C VAL A 315 14.93 22.04 7.09
N GLY A 316 14.96 22.52 5.83
CA GLY A 316 14.86 21.70 4.60
C GLY A 316 16.09 21.86 3.71
N GLN A 317 15.88 22.00 2.38
CA GLN A 317 16.89 21.95 1.28
C GLN A 317 16.67 23.17 0.34
N GLN A 339 22.90 23.28 -0.06
CA GLN A 339 21.50 22.83 -0.10
C GLN A 339 21.06 22.48 1.34
N VAL A 340 20.96 23.51 2.18
CA VAL A 340 20.27 23.48 3.50
C VAL A 340 19.49 24.80 3.62
N GLN A 341 18.23 24.75 4.05
CA GLN A 341 17.28 25.89 3.94
C GLN A 341 16.42 25.96 5.20
N LEU A 342 16.29 27.17 5.75
CA LEU A 342 15.30 27.49 6.81
C LEU A 342 14.01 27.94 6.12
N TYR A 343 12.92 27.22 6.36
CA TYR A 343 11.53 27.65 6.09
C TYR A 343 10.89 28.05 7.42
N ARG A 344 10.41 29.31 7.52
CA ARG A 344 9.68 29.83 8.69
C ARG A 344 8.44 30.58 8.24
N ALA A 345 7.54 30.88 9.18
CA ALA A 345 6.41 31.82 9.04
C ALA A 345 5.67 31.92 10.36
N LYS A 346 4.95 33.03 10.56
CA LYS A 346 4.10 33.27 11.76
C LYS A 346 2.91 32.31 11.72
N LEU A 347 2.34 32.03 12.89
CA LEU A 347 1.21 31.10 13.05
C LEU A 347 0.06 31.84 13.73
N SER A 348 -1.13 31.77 13.13
CA SER A 348 -2.41 32.23 13.70
C SER A 348 -3.39 31.07 13.60
N PRO A 349 -4.50 31.07 14.38
CA PRO A 349 -5.51 30.03 14.27
C PRO A 349 -6.14 29.82 12.87
N GLY A 350 -6.34 28.55 12.51
CA GLY A 350 -6.79 28.12 11.19
C GLY A 350 -5.64 27.68 10.31
N ASP A 351 -4.46 28.26 10.52
CA ASP A 351 -3.23 28.01 9.72
C ASP A 351 -2.83 26.54 9.88
N VAL A 352 -2.41 25.93 8.77
CA VAL A 352 -1.87 24.54 8.72
C VAL A 352 -0.48 24.61 8.11
N PHE A 353 0.46 23.86 8.67
CA PHE A 353 1.77 23.61 8.04
C PHE A 353 2.07 22.12 8.11
N VAL A 354 3.13 21.69 7.44
CA VAL A 354 3.51 20.25 7.29
C VAL A 354 4.96 20.10 7.77
N ILE A 355 5.22 19.13 8.65
CA ILE A 355 6.58 18.72 9.06
C ILE A 355 6.91 17.39 8.37
N PRO A 356 7.66 17.42 7.24
CA PRO A 356 8.15 16.21 6.58
C PRO A 356 9.11 15.37 7.47
N ALA A 357 9.09 14.05 7.28
CA ALA A 357 9.92 13.11 8.07
C ALA A 357 11.39 13.56 7.99
N GLY A 358 12.09 13.57 9.13
CA GLY A 358 13.52 13.88 9.19
C GLY A 358 13.81 15.39 9.29
N HIS A 359 12.84 16.24 8.95
CA HIS A 359 12.99 17.71 9.00
C HIS A 359 12.96 18.18 10.46
N PRO A 360 14.06 18.81 10.97
CA PRO A 360 14.07 19.34 12.33
C PRO A 360 13.16 20.57 12.36
N VAL A 361 12.13 20.55 13.19
CA VAL A 361 11.18 21.67 13.38
C VAL A 361 11.40 22.23 14.77
N ALA A 362 11.18 23.53 14.93
CA ALA A 362 11.06 24.26 16.23
C ALA A 362 9.81 25.13 16.13
N ILE A 363 9.10 25.32 17.24
CA ILE A 363 7.83 26.11 17.26
C ILE A 363 7.89 27.02 18.48
N ASN A 364 7.54 28.29 18.28
CA ASN A 364 7.72 29.37 19.28
C ASN A 364 6.36 30.05 19.48
N ALA A 365 5.96 30.27 20.73
CA ALA A 365 4.64 30.83 21.10
C ALA A 365 4.81 32.28 21.55
N SER A 366 3.97 33.19 21.00
CA SER A 366 3.80 34.61 21.39
C SER A 366 2.69 34.67 22.45
N SER A 367 1.55 34.06 22.14
CA SER A 367 0.43 33.82 23.08
C SER A 367 0.30 32.31 23.34
N ASP A 368 -0.49 31.93 24.36
CA ASP A 368 -0.76 30.51 24.71
C ASP A 368 -1.28 29.81 23.47
N LEU A 369 -0.49 28.86 22.95
CA LEU A 369 -0.60 28.22 21.62
C LEU A 369 -1.11 26.78 21.80
N ASN A 370 -2.00 26.31 20.92
CA ASN A 370 -2.45 24.89 20.85
C ASN A 370 -2.42 24.38 19.40
N LEU A 371 -1.77 23.25 19.18
CA LEU A 371 -1.58 22.63 17.84
C LEU A 371 -2.19 21.23 17.85
N ILE A 372 -2.84 20.81 16.76
CA ILE A 372 -3.34 19.42 16.53
C ILE A 372 -2.58 18.85 15.33
N GLY A 373 -1.56 18.02 15.58
CA GLY A 373 -0.88 17.26 14.53
C GLY A 373 -1.59 15.95 14.25
N PHE A 374 -1.74 15.58 12.97
CA PHE A 374 -1.93 14.17 12.55
C PHE A 374 -0.65 13.74 11.82
N GLY A 375 -0.11 12.58 12.18
CA GLY A 375 1.20 12.11 11.69
C GLY A 375 1.06 10.89 10.83
N ILE A 376 1.12 11.05 9.52
CA ILE A 376 1.04 9.93 8.53
C ILE A 376 2.34 9.11 8.64
N ASN A 377 2.25 7.78 8.61
CA ASN A 377 3.38 6.80 8.72
C ASN A 377 3.78 6.61 10.20
N ALA A 378 2.80 6.51 11.10
CA ALA A 378 2.93 6.64 12.58
C ALA A 378 3.75 5.49 13.17
N GLU A 379 3.53 4.26 12.73
CA GLU A 379 4.13 3.06 13.38
C GLU A 379 5.65 3.14 13.24
N ASN A 380 6.39 2.86 14.33
CA ASN A 380 7.88 2.86 14.41
C ASN A 380 8.43 4.29 14.36
N ASN A 381 7.57 5.31 14.40
CA ASN A 381 8.03 6.72 14.37
C ASN A 381 8.70 7.01 15.71
N GLU A 382 9.99 7.34 15.67
CA GLU A 382 10.76 7.88 16.81
C GLU A 382 10.88 9.38 16.56
N ARG A 383 10.58 10.21 17.56
CA ARG A 383 10.89 11.66 17.55
C ARG A 383 12.19 11.89 18.32
N ASN A 384 13.23 12.35 17.61
CA ASN A 384 14.59 12.56 18.16
C ASN A 384 14.85 14.07 18.29
N PHE A 385 14.90 14.58 19.53
CA PHE A 385 15.19 16.00 19.89
C PHE A 385 16.70 16.30 19.74
N LEU A 386 17.02 17.60 19.63
CA LEU A 386 18.37 18.14 19.37
C LEU A 386 18.76 19.16 20.46
N ALA A 387 18.19 19.06 21.66
CA ALA A 387 18.33 20.10 22.70
C ALA A 387 17.73 19.62 24.02
N GLY A 388 18.45 19.85 25.12
CA GLY A 388 18.00 19.53 26.48
C GLY A 388 18.40 18.13 26.88
N GLU A 389 18.21 17.78 28.16
CA GLU A 389 18.64 16.47 28.74
C GLU A 389 18.05 15.33 27.90
N GLU A 390 16.72 15.30 27.82
CA GLU A 390 15.93 14.09 27.46
C GLU A 390 15.82 13.94 25.95
N ASP A 391 15.92 12.69 25.49
CA ASP A 391 15.77 12.24 24.09
C ASP A 391 16.54 13.19 23.16
N ASN A 392 17.63 13.79 23.65
CA ASN A 392 18.52 14.67 22.84
C ASN A 392 19.55 13.76 22.16
N VAL A 393 19.24 13.35 20.93
CA VAL A 393 20.05 12.35 20.17
C VAL A 393 21.51 12.86 20.07
N ILE A 394 21.72 14.17 19.88
CA ILE A 394 23.07 14.76 19.65
C ILE A 394 23.98 14.39 20.81
N SER A 395 23.43 14.36 22.04
CA SER A 395 24.17 14.12 23.31
C SER A 395 24.22 12.61 23.59
N GLN A 396 24.24 11.80 22.53
CA GLN A 396 24.44 10.32 22.61
C GLN A 396 25.58 9.92 21.68
N VAL A 397 26.24 10.90 21.06
CA VAL A 397 27.39 10.68 20.14
C VAL A 397 28.63 10.37 21.01
N GLU A 398 29.25 9.20 20.81
CA GLU A 398 30.49 8.72 21.48
C GLU A 398 31.48 9.87 21.62
N ARG A 399 32.05 10.06 22.81
CA ARG A 399 32.95 11.18 23.18
C ARG A 399 33.66 11.72 21.93
N PRO A 400 34.59 10.97 21.28
CA PRO A 400 35.52 11.56 20.32
C PRO A 400 34.87 12.03 19.01
N VAL A 401 33.81 11.33 18.61
CA VAL A 401 33.02 11.62 17.38
C VAL A 401 32.45 13.04 17.48
N LYS A 402 32.00 13.45 18.67
CA LYS A 402 31.57 14.84 18.97
C LYS A 402 32.70 15.82 18.58
N GLU A 403 33.95 15.48 18.92
CA GLU A 403 35.16 16.30 18.66
C GLU A 403 35.44 16.41 17.14
N LEU A 404 35.25 15.30 16.41
CA LEU A 404 35.41 15.17 14.93
C LEU A 404 34.21 15.81 14.19
N ALA A 405 33.00 15.64 14.73
CA ALA A 405 31.71 16.04 14.08
C ALA A 405 31.55 17.55 14.19
N PHE A 406 31.76 18.11 15.40
CA PHE A 406 31.64 19.55 15.74
C PHE A 406 33.01 20.14 15.94
N PRO A 407 33.21 21.44 15.57
CA PRO A 407 34.51 22.08 15.76
C PRO A 407 35.03 21.75 17.19
N GLY A 408 34.34 22.34 18.17
CA GLY A 408 34.50 22.13 19.62
C GLY A 408 35.30 20.88 19.97
N SER A 409 35.92 20.93 21.16
CA SER A 409 36.46 19.76 21.89
C SER A 409 35.27 18.94 22.37
N SER A 410 35.42 17.61 22.47
CA SER A 410 34.38 16.74 23.07
C SER A 410 33.86 17.41 24.35
N HIS A 411 34.77 17.97 25.18
CA HIS A 411 34.45 18.58 26.50
C HIS A 411 33.58 19.83 26.31
N GLU A 412 33.86 20.63 25.28
CA GLU A 412 33.08 21.87 24.96
C GLU A 412 31.67 21.51 24.45
N VAL A 413 31.55 20.51 23.56
CA VAL A 413 30.24 19.99 23.09
C VAL A 413 29.41 19.61 24.32
N ASP A 414 29.95 18.72 25.15
CA ASP A 414 29.26 18.11 26.33
C ASP A 414 28.71 19.19 27.27
N ARG A 415 29.43 20.29 27.44
CA ARG A 415 29.10 21.38 28.39
C ARG A 415 27.93 22.21 27.86
N LEU A 416 27.95 22.53 26.58
CA LEU A 416 26.89 23.36 25.93
C LEU A 416 25.56 22.60 25.96
N LEU A 417 25.60 21.32 25.60
CA LEU A 417 24.41 20.44 25.59
C LEU A 417 23.81 20.39 26.99
N LYS A 418 24.63 20.56 28.05
CA LYS A 418 24.19 20.54 29.46
C LYS A 418 23.62 21.91 29.84
N ASN A 419 23.82 22.94 29.01
CA ASN A 419 23.38 24.32 29.38
C ASN A 419 21.88 24.32 29.60
N GLN A 420 21.09 23.89 28.59
CA GLN A 420 19.60 23.71 28.69
C GLN A 420 19.31 22.47 29.55
N LYS A 421 18.87 22.68 30.79
CA LYS A 421 18.64 21.60 31.79
C LYS A 421 17.19 21.11 31.61
N GLN A 422 16.40 21.91 30.89
CA GLN A 422 15.01 21.62 30.45
C GLN A 422 15.04 20.56 29.35
N SER A 423 13.85 20.09 28.93
CA SER A 423 13.69 19.02 27.92
C SER A 423 12.36 19.23 27.18
N TYR A 424 12.32 18.91 25.88
CA TYR A 424 11.08 18.94 25.08
C TYR A 424 10.60 20.38 24.85
N PHE A 425 10.27 21.13 25.91
CA PHE A 425 9.90 22.57 25.87
C PHE A 425 10.82 23.40 26.76
N ALA A 426 10.99 24.70 26.44
CA ALA A 426 11.95 25.63 27.10
C ALA A 426 11.43 27.07 27.05
N ASN A 427 12.06 27.95 27.83
CA ASN A 427 11.83 29.42 27.75
C ASN A 427 12.42 30.00 26.44
N ALA A 428 11.70 30.96 25.85
CA ALA A 428 12.01 31.66 24.58
C ALA A 428 12.59 33.05 24.88
N GLU B 25 -21.19 9.05 -21.85
CA GLU B 25 -22.29 9.64 -21.00
C GLU B 25 -22.40 8.88 -19.67
N ASN B 26 -22.35 7.54 -19.68
CA ASN B 26 -22.28 6.69 -18.47
C ASN B 26 -21.00 5.87 -18.52
N PRO B 27 -19.95 6.25 -17.76
CA PRO B 27 -18.63 5.62 -17.83
C PRO B 27 -18.49 4.33 -16.99
N PHE B 28 -19.58 3.94 -16.35
CA PHE B 28 -19.68 2.87 -15.31
C PHE B 28 -19.92 1.53 -15.99
N ILE B 29 -20.78 1.54 -17.01
CA ILE B 29 -21.05 0.35 -17.86
C ILE B 29 -19.88 0.19 -18.82
N PHE B 30 -19.26 -0.98 -18.82
CA PHE B 30 -18.33 -1.45 -19.89
C PHE B 30 -19.04 -2.50 -20.71
N LYS B 31 -19.72 -2.08 -21.78
CA LYS B 31 -20.44 -3.02 -22.68
C LYS B 31 -19.55 -4.24 -22.92
N SER B 32 -20.19 -5.39 -23.19
CA SER B 32 -19.52 -6.69 -23.39
C SER B 32 -18.39 -6.57 -24.41
N ASN B 33 -18.48 -5.63 -25.35
CA ASN B 33 -17.57 -5.51 -26.53
C ASN B 33 -16.33 -4.67 -26.18
N ARG B 34 -16.25 -4.06 -25.01
CA ARG B 34 -15.01 -3.35 -24.57
C ARG B 34 -13.95 -4.40 -24.22
N PHE B 35 -14.34 -5.68 -24.21
CA PHE B 35 -13.42 -6.84 -24.12
C PHE B 35 -12.67 -7.00 -25.44
N GLN B 36 -11.35 -6.82 -25.41
CA GLN B 36 -10.39 -7.13 -26.49
C GLN B 36 -10.09 -8.65 -26.48
N THR B 37 -9.90 -9.29 -27.64
CA THR B 37 -9.54 -10.73 -27.75
C THR B 37 -8.02 -10.93 -27.83
N LEU B 38 -7.44 -11.66 -26.86
CA LEU B 38 -5.98 -11.92 -26.77
C LEU B 38 -5.62 -13.09 -27.69
N TYR B 39 -6.57 -13.97 -27.96
CA TYR B 39 -6.33 -15.22 -28.71
C TYR B 39 -7.67 -15.95 -28.93
N GLU B 40 -7.76 -16.68 -30.02
CA GLU B 40 -9.00 -17.32 -30.50
C GLU B 40 -8.61 -18.35 -31.56
N ASN B 41 -9.01 -19.61 -31.36
CA ASN B 41 -8.90 -20.71 -32.35
C ASN B 41 -10.25 -21.47 -32.34
N GLU B 42 -10.36 -22.59 -33.06
CA GLU B 42 -11.63 -23.36 -33.10
C GLU B 42 -11.64 -24.37 -31.94
N ASN B 43 -11.43 -23.89 -30.72
CA ASN B 43 -11.35 -24.69 -29.46
C ASN B 43 -11.73 -23.86 -28.22
N GLY B 44 -11.34 -22.59 -28.18
CA GLY B 44 -11.79 -21.62 -27.17
C GLY B 44 -11.39 -20.20 -27.54
N HIS B 45 -11.34 -19.32 -26.54
CA HIS B 45 -10.80 -17.95 -26.69
C HIS B 45 -10.39 -17.41 -25.31
N ILE B 46 -9.81 -16.21 -25.31
CA ILE B 46 -9.30 -15.46 -24.12
C ILE B 46 -9.50 -13.97 -24.42
N ARG B 47 -10.43 -13.30 -23.74
CA ARG B 47 -10.67 -11.83 -23.93
C ARG B 47 -10.19 -11.08 -22.67
N LEU B 48 -9.83 -9.79 -22.83
CA LEU B 48 -9.18 -8.93 -21.80
C LEU B 48 -9.84 -7.56 -21.78
N LEU B 49 -10.96 -7.41 -21.06
CA LEU B 49 -11.64 -6.11 -20.91
C LEU B 49 -10.56 -5.02 -20.92
N GLN B 50 -10.81 -3.91 -21.62
CA GLN B 50 -9.94 -2.71 -21.65
C GLN B 50 -9.70 -2.17 -20.24
N LYS B 51 -8.64 -1.38 -20.07
CA LYS B 51 -8.23 -0.79 -18.77
C LYS B 51 -9.35 0.11 -18.25
N PHE B 52 -9.84 -0.17 -17.03
CA PHE B 52 -10.81 0.67 -16.31
C PHE B 52 -10.34 2.13 -16.33
N ASP B 53 -9.05 2.34 -16.12
CA ASP B 53 -8.45 3.68 -15.89
C ASP B 53 -8.35 4.41 -17.24
N LYS B 54 -8.05 3.68 -18.32
CA LYS B 54 -8.00 4.24 -19.71
C LYS B 54 -9.39 4.68 -20.15
N ARG B 55 -10.43 4.00 -19.66
CA ARG B 55 -11.85 4.40 -19.83
C ARG B 55 -12.04 5.79 -19.22
N SER B 56 -11.57 5.99 -17.99
CA SER B 56 -11.79 7.28 -17.29
C SER B 56 -10.86 7.42 -16.08
N LYS B 57 -10.35 8.63 -15.84
CA LYS B 57 -9.63 9.05 -14.62
C LYS B 57 -10.42 8.64 -13.37
N ILE B 58 -11.74 8.70 -13.42
CA ILE B 58 -12.66 8.30 -12.32
C ILE B 58 -12.16 7.02 -11.65
N PHE B 59 -11.75 6.03 -12.45
CA PHE B 59 -11.35 4.67 -11.99
C PHE B 59 -9.83 4.51 -11.92
N GLU B 60 -9.13 5.51 -11.36
CA GLU B 60 -7.67 5.46 -11.11
C GLU B 60 -7.32 4.30 -10.16
N ASN B 61 -8.02 4.17 -9.02
CA ASN B 61 -7.73 3.14 -7.98
C ASN B 61 -8.02 1.73 -8.52
N LEU B 62 -8.64 1.60 -9.70
CA LEU B 62 -8.82 0.27 -10.34
C LEU B 62 -7.73 0.04 -11.39
N GLN B 63 -6.71 0.92 -11.46
CA GLN B 63 -5.71 0.91 -12.56
C GLN B 63 -4.99 -0.45 -12.61
N ASN B 64 -4.86 -1.13 -11.46
CA ASN B 64 -3.95 -2.30 -11.29
C ASN B 64 -4.72 -3.63 -11.41
N TYR B 65 -6.04 -3.60 -11.62
CA TYR B 65 -6.92 -4.78 -11.81
C TYR B 65 -7.32 -4.91 -13.27
N ARG B 66 -7.28 -6.15 -13.80
CA ARG B 66 -7.72 -6.53 -15.17
C ARG B 66 -8.78 -7.62 -15.08
N LEU B 67 -9.81 -7.56 -15.93
CA LEU B 67 -10.80 -8.66 -16.13
C LEU B 67 -10.49 -9.44 -17.41
N LEU B 68 -10.47 -10.77 -17.32
CA LEU B 68 -10.38 -11.74 -18.46
C LEU B 68 -11.55 -12.72 -18.41
N GLU B 69 -12.03 -13.15 -19.58
CA GLU B 69 -12.93 -14.32 -19.75
C GLU B 69 -12.15 -15.41 -20.50
N TYR B 70 -12.04 -16.61 -19.92
CA TYR B 70 -11.61 -17.85 -20.62
C TYR B 70 -12.89 -18.60 -20.99
N LYS B 71 -13.11 -18.87 -22.29
CA LYS B 71 -14.11 -19.84 -22.81
C LYS B 71 -13.36 -20.94 -23.55
N SER B 72 -13.79 -22.18 -23.43
CA SER B 72 -13.17 -23.33 -24.18
C SER B 72 -14.22 -24.41 -24.42
N LYS B 73 -14.23 -24.95 -25.65
CA LYS B 73 -15.12 -26.03 -26.13
C LYS B 73 -14.82 -27.33 -25.39
N PRO B 74 -15.75 -28.31 -25.35
CA PRO B 74 -15.50 -29.58 -24.68
C PRO B 74 -14.19 -30.24 -25.14
N HIS B 75 -13.53 -30.96 -24.24
CA HIS B 75 -12.35 -31.81 -24.54
C HIS B 75 -11.21 -30.94 -25.10
N THR B 76 -11.06 -29.73 -24.57
CA THR B 76 -9.95 -28.80 -24.89
C THR B 76 -9.06 -28.59 -23.66
N LEU B 77 -7.99 -27.81 -23.82
CA LEU B 77 -6.87 -27.67 -22.83
C LEU B 77 -6.05 -26.42 -23.16
N PHE B 78 -6.20 -25.32 -22.40
CA PHE B 78 -5.30 -24.14 -22.43
C PHE B 78 -3.94 -24.64 -21.95
N LEU B 79 -2.90 -24.56 -22.79
CA LEU B 79 -1.61 -25.25 -22.59
C LEU B 79 -0.89 -24.66 -21.37
N PRO B 80 0.14 -25.36 -20.83
CA PRO B 80 0.87 -24.84 -19.68
C PRO B 80 1.33 -23.40 -19.97
N GLN B 81 1.05 -22.51 -19.00
CA GLN B 81 1.38 -21.06 -19.07
C GLN B 81 1.54 -20.55 -17.63
N TYR B 82 2.29 -19.46 -17.44
CA TYR B 82 2.25 -18.62 -16.23
C TYR B 82 2.23 -17.14 -16.66
N THR B 83 1.86 -16.26 -15.72
CA THR B 83 1.56 -14.82 -15.96
C THR B 83 2.01 -14.02 -14.73
N ASP B 84 2.50 -12.79 -14.92
CA ASP B 84 3.07 -11.91 -13.85
C ASP B 84 1.95 -11.21 -13.06
N ALA B 85 0.77 -11.83 -12.97
CA ALA B 85 -0.42 -11.28 -12.29
C ALA B 85 -1.02 -12.37 -11.40
N ASP B 86 -1.40 -12.02 -10.18
CA ASP B 86 -2.23 -12.90 -9.31
C ASP B 86 -3.57 -13.09 -10.03
N PHE B 87 -3.94 -14.35 -10.24
CA PHE B 87 -5.17 -14.79 -10.93
C PHE B 87 -6.19 -15.33 -9.91
N ILE B 88 -7.37 -14.68 -9.79
CA ILE B 88 -8.56 -15.21 -9.05
C ILE B 88 -9.56 -15.75 -10.07
N LEU B 89 -9.59 -17.07 -10.30
CA LEU B 89 -10.54 -17.74 -11.23
C LEU B 89 -11.88 -17.89 -10.52
N VAL B 90 -12.98 -17.46 -11.17
CA VAL B 90 -14.36 -17.93 -10.86
C VAL B 90 -14.87 -18.71 -12.08
N VAL B 91 -15.25 -19.98 -11.92
CA VAL B 91 -15.78 -20.81 -13.04
C VAL B 91 -17.28 -20.50 -13.18
N LEU B 92 -17.66 -19.81 -14.26
CA LEU B 92 -19.03 -19.28 -14.49
C LEU B 92 -19.95 -20.42 -14.91
N SER B 93 -19.43 -21.36 -15.69
CA SER B 93 -20.14 -22.59 -16.13
C SER B 93 -19.14 -23.58 -16.74
N GLY B 94 -19.60 -24.80 -16.99
CA GLY B 94 -18.76 -25.90 -17.49
C GLY B 94 -18.28 -26.76 -16.34
N LYS B 95 -17.57 -27.82 -16.68
CA LYS B 95 -16.76 -28.60 -15.72
C LYS B 95 -15.31 -28.47 -16.21
N ALA B 96 -14.33 -28.53 -15.32
CA ALA B 96 -12.93 -28.36 -15.74
C ALA B 96 -11.97 -29.00 -14.75
N THR B 97 -10.73 -29.16 -15.19
CA THR B 97 -9.61 -29.72 -14.39
C THR B 97 -8.42 -28.75 -14.45
N LEU B 98 -8.48 -27.69 -13.64
CA LEU B 98 -7.38 -26.73 -13.34
C LEU B 98 -6.26 -27.51 -12.64
N THR B 99 -5.11 -27.69 -13.30
CA THR B 99 -3.93 -28.41 -12.75
C THR B 99 -2.88 -27.34 -12.38
N VAL B 100 -2.37 -27.35 -11.16
CA VAL B 100 -1.47 -26.28 -10.63
C VAL B 100 -0.08 -26.88 -10.39
N LEU B 101 0.99 -26.17 -10.78
CA LEU B 101 2.39 -26.61 -10.59
C LEU B 101 3.08 -25.71 -9.56
N LYS B 102 3.90 -26.30 -8.71
CA LYS B 102 4.93 -25.62 -7.92
C LYS B 102 6.30 -26.05 -8.45
N SER B 103 7.39 -25.42 -8.01
CA SER B 103 8.79 -25.73 -8.37
C SER B 103 8.98 -27.26 -8.39
N ASN B 104 8.28 -27.95 -7.47
CA ASN B 104 8.48 -29.38 -7.14
C ASN B 104 7.17 -29.99 -6.63
N ASP B 105 6.04 -29.77 -7.31
CA ASP B 105 4.77 -30.45 -6.96
C ASP B 105 3.74 -30.22 -8.06
N ARG B 106 2.68 -31.03 -8.08
CA ARG B 106 1.47 -30.91 -8.94
C ARG B 106 0.26 -31.41 -8.16
N ASN B 107 -0.72 -30.52 -7.95
CA ASN B 107 -2.11 -30.86 -7.55
C ASN B 107 -3.07 -30.37 -8.64
N SER B 108 -4.13 -31.12 -8.90
CA SER B 108 -5.17 -30.81 -9.92
C SER B 108 -6.54 -30.79 -9.23
N PHE B 109 -7.47 -29.99 -9.76
CA PHE B 109 -8.78 -29.72 -9.15
C PHE B 109 -9.89 -29.82 -10.20
N ASN B 110 -10.89 -30.68 -9.95
CA ASN B 110 -12.15 -30.71 -10.72
C ASN B 110 -13.02 -29.54 -10.23
N LEU B 111 -13.36 -28.60 -11.13
CA LEU B 111 -14.09 -27.33 -10.86
C LEU B 111 -15.49 -27.35 -11.52
N GLU B 112 -16.45 -26.67 -10.89
CA GLU B 112 -17.85 -26.52 -11.40
C GLU B 112 -18.31 -25.11 -11.09
N ARG B 113 -19.52 -24.76 -11.54
CA ARG B 113 -20.12 -23.40 -11.37
C ARG B 113 -20.03 -23.01 -9.89
N GLY B 114 -19.44 -21.84 -9.62
CA GLY B 114 -19.29 -21.26 -8.27
C GLY B 114 -17.88 -21.44 -7.75
N ASP B 115 -17.13 -22.39 -8.31
CA ASP B 115 -15.75 -22.73 -7.86
C ASP B 115 -14.80 -21.59 -8.20
N ALA B 116 -14.20 -20.99 -7.17
CA ALA B 116 -13.18 -19.92 -7.29
C ALA B 116 -11.86 -20.38 -6.67
N ILE B 117 -10.76 -20.25 -7.40
CA ILE B 117 -9.41 -20.61 -6.90
C ILE B 117 -8.47 -19.46 -7.27
N LYS B 118 -7.59 -19.08 -6.34
CA LYS B 118 -6.52 -18.07 -6.55
C LYS B 118 -5.26 -18.76 -7.09
N LEU B 119 -4.62 -18.20 -8.12
CA LEU B 119 -3.29 -18.65 -8.60
C LEU B 119 -2.33 -17.50 -8.33
N PRO B 120 -1.33 -17.69 -7.44
CA PRO B 120 -0.31 -16.66 -7.24
C PRO B 120 0.29 -16.34 -8.61
N ALA B 121 0.64 -15.09 -8.88
CA ALA B 121 1.47 -14.73 -10.05
C ALA B 121 2.70 -15.64 -10.01
N GLY B 122 3.13 -16.11 -11.18
CA GLY B 122 4.31 -16.99 -11.36
C GLY B 122 3.97 -18.47 -11.24
N THR B 123 2.73 -18.82 -10.94
CA THR B 123 2.24 -20.23 -10.97
C THR B 123 2.05 -20.66 -12.42
N ILE B 124 2.70 -21.74 -12.83
CA ILE B 124 2.37 -22.48 -14.09
C ILE B 124 1.16 -23.36 -13.78
N ALA B 125 0.14 -23.30 -14.64
CA ALA B 125 -1.04 -24.21 -14.61
C ALA B 125 -1.56 -24.43 -16.03
N TYR B 126 -2.52 -25.35 -16.15
CA TYR B 126 -3.23 -25.69 -17.39
C TYR B 126 -4.66 -26.13 -17.03
N LEU B 127 -5.64 -25.57 -17.75
CA LEU B 127 -7.11 -25.81 -17.58
C LEU B 127 -7.64 -26.62 -18.76
N ALA B 128 -8.54 -27.57 -18.49
CA ALA B 128 -9.19 -28.42 -19.51
C ALA B 128 -10.70 -28.52 -19.25
N ASN B 129 -11.51 -28.38 -20.32
CA ASN B 129 -12.98 -28.64 -20.30
C ASN B 129 -13.17 -30.15 -20.27
N ARG B 130 -13.51 -30.69 -19.10
CA ARG B 130 -13.66 -32.14 -18.85
C ARG B 130 -15.12 -32.57 -19.11
N ASP B 131 -15.98 -31.62 -19.52
CA ASP B 131 -17.34 -31.92 -20.02
C ASP B 131 -17.28 -32.29 -21.51
N ASP B 132 -18.32 -32.95 -22.04
CA ASP B 132 -18.41 -33.48 -23.44
C ASP B 132 -19.40 -32.65 -24.29
N ASN B 133 -20.14 -31.70 -23.69
CA ASN B 133 -21.23 -30.93 -24.37
C ASN B 133 -21.12 -29.43 -24.06
N GLU B 134 -21.15 -29.04 -22.78
CA GLU B 134 -21.16 -27.62 -22.33
C GLU B 134 -19.77 -27.02 -22.47
N ASP B 135 -19.67 -25.78 -22.96
CA ASP B 135 -18.40 -24.99 -22.98
C ASP B 135 -18.02 -24.62 -21.54
N LEU B 136 -16.75 -24.24 -21.37
CA LEU B 136 -16.17 -23.86 -20.06
C LEU B 136 -15.98 -22.35 -20.05
N ARG B 137 -16.65 -21.66 -19.14
CA ARG B 137 -16.50 -20.20 -18.94
C ARG B 137 -15.81 -19.98 -17.58
N VAL B 138 -14.69 -19.29 -17.59
CA VAL B 138 -14.00 -18.80 -16.36
C VAL B 138 -13.95 -17.28 -16.46
N LEU B 139 -14.17 -16.59 -15.34
CA LEU B 139 -14.01 -15.12 -15.17
C LEU B 139 -12.80 -14.88 -14.24
N ASP B 140 -11.72 -14.29 -14.76
CA ASP B 140 -10.47 -14.02 -14.02
C ASP B 140 -10.41 -12.54 -13.65
N LEU B 141 -10.17 -12.24 -12.38
CA LEU B 141 -9.64 -10.93 -11.91
C LEU B 141 -8.13 -11.07 -11.81
N ALA B 142 -7.38 -10.39 -12.68
CA ALA B 142 -5.90 -10.50 -12.78
C ALA B 142 -5.30 -9.24 -12.16
N ILE B 143 -4.25 -9.40 -11.34
CA ILE B 143 -3.55 -8.30 -10.63
C ILE B 143 -2.04 -8.38 -10.95
N PRO B 144 -1.60 -7.79 -12.08
CA PRO B 144 -0.19 -7.65 -12.39
C PRO B 144 0.71 -7.33 -11.19
N VAL B 145 1.88 -7.98 -11.11
CA VAL B 145 2.90 -7.83 -10.04
C VAL B 145 3.94 -6.76 -10.43
N ASN B 146 4.05 -6.43 -11.72
CA ASN B 146 5.25 -5.80 -12.33
C ASN B 146 5.02 -4.32 -12.64
N LYS B 147 4.00 -4.01 -13.45
CA LYS B 147 3.68 -2.64 -13.90
C LYS B 147 2.16 -2.52 -13.91
N PRO B 148 1.57 -1.56 -13.16
CA PRO B 148 0.12 -1.47 -12.97
C PRO B 148 -0.70 -1.68 -14.24
N GLY B 149 -1.53 -2.73 -14.23
CA GLY B 149 -2.51 -3.06 -15.28
C GLY B 149 -1.92 -3.85 -16.44
N GLN B 150 -0.72 -4.42 -16.31
CA GLN B 150 0.06 -4.98 -17.44
C GLN B 150 0.32 -6.48 -17.26
N LEU B 151 -0.43 -7.32 -17.98
CA LEU B 151 -0.27 -8.81 -18.01
C LEU B 151 0.89 -9.18 -18.93
N GLN B 152 1.96 -9.74 -18.38
CA GLN B 152 3.03 -10.45 -19.14
C GLN B 152 2.73 -11.95 -19.00
N SER B 153 2.30 -12.62 -20.08
CA SER B 153 2.13 -14.10 -20.15
C SER B 153 3.45 -14.71 -20.61
N PHE B 154 3.71 -15.97 -20.26
CA PHE B 154 4.99 -16.67 -20.54
C PHE B 154 4.67 -18.08 -21.00
N LEU B 155 4.47 -18.25 -22.31
CA LEU B 155 4.00 -19.52 -22.91
C LEU B 155 5.17 -20.51 -22.89
N LEU B 156 5.03 -21.60 -22.12
CA LEU B 156 5.94 -22.77 -22.15
C LEU B 156 5.61 -23.61 -23.39
N SER B 157 4.40 -23.40 -23.93
CA SER B 157 3.89 -23.93 -25.23
C SER B 157 4.87 -23.57 -26.35
N GLY B 158 5.46 -24.58 -27.01
CA GLY B 158 6.50 -24.41 -28.05
C GLY B 158 5.94 -24.60 -29.45
N THR B 159 5.67 -23.50 -30.16
CA THR B 159 5.21 -23.45 -31.57
C THR B 159 6.02 -22.39 -32.33
N GLN B 160 5.50 -21.85 -33.44
CA GLN B 160 6.09 -20.73 -34.23
C GLN B 160 5.18 -19.51 -34.17
N ASN B 161 3.86 -19.73 -34.26
CA ASN B 161 2.75 -18.76 -34.00
C ASN B 161 3.00 -18.04 -32.67
N GLN B 162 3.58 -18.74 -31.68
CA GLN B 162 4.02 -18.21 -30.37
C GLN B 162 5.25 -18.99 -29.91
N PRO B 163 6.49 -18.53 -30.25
CA PRO B 163 7.68 -19.33 -29.98
C PRO B 163 7.91 -19.48 -28.46
N SER B 164 8.05 -20.73 -27.98
CA SER B 164 8.27 -21.13 -26.56
C SER B 164 9.09 -20.05 -25.84
N LEU B 165 8.82 -19.78 -24.57
CA LEU B 165 9.62 -18.80 -23.78
C LEU B 165 11.09 -19.26 -23.76
N LEU B 166 11.34 -20.57 -23.79
CA LEU B 166 12.71 -21.16 -23.86
C LEU B 166 13.47 -20.63 -25.08
N SER B 167 12.77 -20.37 -26.19
CA SER B 167 13.35 -19.78 -27.43
C SER B 167 14.38 -18.72 -27.02
N GLY B 168 13.95 -17.80 -26.15
CA GLY B 168 14.63 -16.55 -25.76
C GLY B 168 16.12 -16.74 -25.49
N PHE B 169 16.50 -17.88 -24.91
CA PHE B 169 17.90 -18.21 -24.54
C PHE B 169 18.71 -18.51 -25.82
N SER B 170 20.01 -18.19 -25.77
CA SER B 170 21.01 -18.47 -26.83
C SER B 170 21.40 -19.95 -26.78
N LYS B 171 21.58 -20.55 -27.96
CA LYS B 171 22.02 -21.96 -28.14
C LYS B 171 22.88 -22.38 -26.96
N ASN B 172 23.82 -21.51 -26.57
CA ASN B 172 24.92 -21.80 -25.62
C ASN B 172 24.34 -22.08 -24.21
N ILE B 173 23.54 -21.15 -23.69
CA ILE B 173 22.84 -21.32 -22.38
C ILE B 173 21.98 -22.59 -22.46
N LEU B 174 21.20 -22.74 -23.53
CA LEU B 174 20.26 -23.88 -23.74
C LEU B 174 21.02 -25.20 -23.66
N GLU B 175 22.13 -25.36 -24.41
CA GLU B 175 22.94 -26.61 -24.48
C GLU B 175 23.50 -26.95 -23.09
N ALA B 176 24.01 -25.93 -22.39
CA ALA B 176 24.62 -26.05 -21.04
C ALA B 176 23.53 -26.35 -20.00
N ALA B 177 22.36 -25.71 -20.11
CA ALA B 177 21.28 -25.68 -19.09
C ALA B 177 20.64 -27.07 -18.93
N PHE B 178 20.30 -27.71 -20.05
CA PHE B 178 19.69 -29.07 -20.12
C PHE B 178 20.79 -30.13 -20.32
N ASN B 179 22.03 -29.69 -20.61
CA ASN B 179 23.22 -30.52 -20.93
C ASN B 179 22.82 -31.45 -22.08
N THR B 180 22.52 -30.87 -23.23
CA THR B 180 22.03 -31.62 -24.41
C THR B 180 22.40 -30.82 -25.67
N ASN B 181 22.89 -31.53 -26.69
CA ASN B 181 23.08 -31.00 -28.06
C ASN B 181 21.85 -30.14 -28.41
N TYR B 182 22.03 -29.07 -29.20
CA TYR B 182 20.97 -28.10 -29.56
C TYR B 182 19.95 -28.75 -30.50
N GLU B 183 20.38 -29.74 -31.30
CA GLU B 183 19.56 -30.42 -32.35
C GLU B 183 18.54 -31.37 -31.71
N GLU B 184 18.78 -31.78 -30.46
CA GLU B 184 17.81 -32.57 -29.65
C GLU B 184 16.94 -31.63 -28.81
N ILE B 185 17.14 -30.30 -28.92
CA ILE B 185 16.35 -29.29 -28.15
C ILE B 185 15.36 -28.61 -29.11
N GLU B 186 15.84 -28.14 -30.27
CA GLU B 186 14.99 -27.65 -31.37
C GLU B 186 13.97 -28.75 -31.72
N LYS B 187 14.47 -29.98 -31.89
CA LYS B 187 13.66 -31.17 -32.24
C LYS B 187 12.52 -31.33 -31.22
N VAL B 188 12.84 -31.37 -29.92
CA VAL B 188 11.96 -31.91 -28.83
C VAL B 188 11.06 -30.82 -28.23
N LEU B 189 11.58 -29.61 -27.97
CA LEU B 189 10.92 -28.62 -27.07
C LEU B 189 10.37 -27.38 -27.80
N LEU B 190 10.99 -26.93 -28.91
CA LEU B 190 10.69 -25.60 -29.53
C LEU B 190 10.25 -25.75 -30.99
N GLU B 191 11.16 -26.16 -31.89
CA GLU B 191 10.96 -26.28 -33.36
C GLU B 191 10.69 -24.90 -33.95
N VAL B 215 -2.69 -21.97 -28.47
CA VAL B 215 -2.38 -22.07 -27.01
C VAL B 215 -3.37 -23.06 -26.40
N ILE B 216 -4.66 -22.93 -26.75
CA ILE B 216 -5.70 -23.96 -26.49
C ILE B 216 -5.53 -25.01 -27.60
N VAL B 217 -5.82 -26.28 -27.31
CA VAL B 217 -5.70 -27.42 -28.26
C VAL B 217 -6.78 -28.46 -27.91
N LYS B 218 -7.13 -29.33 -28.88
CA LYS B 218 -8.05 -30.49 -28.67
C LYS B 218 -7.27 -31.60 -27.97
N VAL B 219 -7.99 -32.54 -27.36
CA VAL B 219 -7.37 -33.66 -26.60
C VAL B 219 -8.35 -34.85 -26.54
N SER B 220 -7.86 -36.08 -26.40
CA SER B 220 -8.65 -37.34 -26.45
C SER B 220 -9.43 -37.55 -25.14
N ARG B 221 -10.50 -38.36 -25.19
CA ARG B 221 -11.27 -38.79 -23.99
C ARG B 221 -10.33 -39.50 -22.99
N GLU B 222 -9.44 -40.38 -23.47
CA GLU B 222 -8.47 -41.12 -22.60
C GLU B 222 -7.50 -40.09 -21.98
N GLN B 223 -7.18 -39.02 -22.71
CA GLN B 223 -6.34 -37.90 -22.21
C GLN B 223 -7.08 -37.14 -21.11
N ILE B 224 -8.29 -36.65 -21.40
CA ILE B 224 -9.14 -35.92 -20.42
C ILE B 224 -9.35 -36.82 -19.19
N GLU B 225 -9.79 -38.07 -19.39
CA GLU B 225 -10.05 -39.05 -18.29
C GLU B 225 -8.80 -39.18 -17.41
N GLU B 226 -7.62 -39.02 -18.00
CA GLU B 226 -6.30 -38.98 -17.30
C GLU B 226 -6.34 -37.94 -16.17
N LEU B 227 -6.67 -36.69 -16.52
CA LEU B 227 -6.56 -35.50 -15.63
C LEU B 227 -7.65 -35.55 -14.55
N SER B 228 -8.79 -36.15 -14.89
CA SER B 228 -9.91 -36.48 -13.98
C SER B 228 -9.45 -37.52 -12.95
N LYS B 229 -8.69 -38.54 -13.38
CA LYS B 229 -8.14 -39.62 -12.53
C LYS B 229 -7.24 -39.00 -11.46
N ASN B 230 -7.70 -39.05 -10.20
CA ASN B 230 -7.04 -38.43 -9.02
C ASN B 230 -7.00 -36.91 -9.23
N ALA B 231 -8.07 -36.23 -8.82
CA ALA B 231 -8.20 -34.75 -8.84
C ALA B 231 -9.28 -34.33 -7.82
N LYS B 232 -8.88 -33.73 -6.69
CA LYS B 232 -9.75 -33.33 -5.56
C LYS B 232 -10.69 -32.19 -5.99
N SER B 233 -11.81 -31.99 -5.27
CA SER B 233 -12.85 -30.97 -5.57
C SER B 233 -13.04 -29.98 -4.42
N SER B 234 -13.98 -29.03 -4.57
CA SER B 234 -14.49 -28.14 -3.49
C SER B 234 -15.70 -28.80 -2.83
N SER B 235 -16.31 -28.16 -1.84
CA SER B 235 -17.41 -28.74 -1.02
C SER B 235 -18.00 -27.69 -0.05
N LYS B 236 -18.42 -28.11 1.15
CA LYS B 236 -18.89 -27.28 2.30
C LYS B 236 -20.19 -26.56 1.96
N VAL B 239 -15.16 -21.21 1.32
CA VAL B 239 -14.64 -21.98 2.48
C VAL B 239 -13.28 -21.40 2.88
N SER B 240 -12.59 -22.01 3.86
CA SER B 240 -11.33 -21.51 4.49
C SER B 240 -10.12 -22.39 4.13
N SER B 241 -10.33 -23.49 3.38
CA SER B 241 -9.27 -24.41 2.88
C SER B 241 -8.16 -23.60 2.21
N GLU B 242 -6.95 -23.70 2.73
CA GLU B 242 -5.86 -22.70 2.54
C GLU B 242 -5.46 -22.59 1.06
N SER B 243 -5.64 -23.63 0.24
CA SER B 243 -5.03 -23.70 -1.11
C SER B 243 -5.90 -24.41 -2.17
N GLY B 244 -6.89 -25.22 -1.77
CA GLY B 244 -7.84 -25.84 -2.74
C GLY B 244 -8.69 -24.80 -3.46
N PRO B 245 -9.70 -25.20 -4.26
CA PRO B 245 -10.79 -24.31 -4.63
C PRO B 245 -11.83 -24.17 -3.51
N PHE B 246 -12.54 -23.02 -3.51
CA PHE B 246 -13.74 -22.73 -2.68
C PHE B 246 -14.87 -22.37 -3.64
N ASN B 247 -16.05 -22.96 -3.42
CA ASN B 247 -17.30 -22.57 -4.13
C ASN B 247 -17.87 -21.31 -3.46
N LEU B 248 -18.35 -20.36 -4.28
CA LEU B 248 -18.91 -19.04 -3.86
C LEU B 248 -20.26 -19.28 -3.16
N ARG B 249 -20.83 -20.48 -3.29
CA ARG B 249 -22.16 -20.83 -2.72
C ARG B 249 -22.04 -21.97 -1.69
N SER B 250 -20.81 -22.32 -1.31
CA SER B 250 -20.52 -23.29 -0.22
C SER B 250 -21.22 -22.83 1.06
N ARG B 251 -20.81 -21.70 1.65
CA ARG B 251 -21.52 -21.11 2.81
C ARG B 251 -22.92 -20.69 2.33
N ASN B 252 -23.83 -20.42 3.26
CA ASN B 252 -25.22 -19.94 2.98
C ASN B 252 -25.16 -18.49 2.54
N PRO B 253 -26.14 -17.99 1.75
CA PRO B 253 -26.08 -16.62 1.25
C PRO B 253 -26.32 -15.63 2.40
N ILE B 254 -25.68 -14.46 2.34
CA ILE B 254 -25.87 -13.37 3.37
C ILE B 254 -27.30 -12.84 3.28
N TYR B 255 -27.88 -12.81 2.08
CA TYR B 255 -29.29 -12.43 1.79
C TYR B 255 -29.89 -13.48 0.86
N SER B 256 -31.11 -13.90 1.14
CA SER B 256 -31.86 -14.96 0.40
C SER B 256 -33.36 -14.77 0.63
N ASN B 257 -34.17 -14.77 -0.43
CA ASN B 257 -35.64 -14.69 -0.28
C ASN B 257 -36.36 -15.20 -1.55
N LYS B 258 -37.64 -14.83 -1.70
CA LYS B 258 -38.54 -15.29 -2.80
C LYS B 258 -38.20 -14.60 -4.13
N PHE B 259 -37.21 -13.69 -4.12
CA PHE B 259 -36.90 -12.74 -5.22
C PHE B 259 -35.41 -12.71 -5.58
N GLY B 260 -34.54 -13.34 -4.80
CA GLY B 260 -33.11 -13.39 -5.11
C GLY B 260 -32.29 -14.04 -4.02
N LYS B 261 -31.06 -14.37 -4.37
CA LYS B 261 -30.00 -14.86 -3.46
C LYS B 261 -28.78 -13.97 -3.68
N PHE B 262 -28.08 -13.66 -2.59
CA PHE B 262 -26.80 -12.90 -2.53
C PHE B 262 -25.80 -13.74 -1.72
N PHE B 263 -24.88 -14.42 -2.39
CA PHE B 263 -23.74 -15.16 -1.79
C PHE B 263 -22.50 -14.27 -1.90
N GLU B 264 -21.66 -14.26 -0.87
CA GLU B 264 -20.47 -13.40 -0.83
C GLU B 264 -19.46 -13.99 0.14
N ILE B 265 -18.36 -14.52 -0.40
CA ILE B 265 -17.14 -14.89 0.37
C ILE B 265 -16.30 -13.61 0.56
N THR B 266 -15.43 -13.55 1.56
CA THR B 266 -14.68 -12.32 1.96
C THR B 266 -13.34 -12.66 2.59
N PRO B 267 -12.42 -11.70 2.80
CA PRO B 267 -11.16 -11.98 3.48
C PRO B 267 -11.35 -12.67 4.85
N GLU B 268 -12.29 -12.15 5.65
CA GLU B 268 -12.82 -12.74 6.91
C GLU B 268 -12.97 -14.26 6.74
N LYS B 269 -13.80 -14.68 5.80
CA LYS B 269 -14.27 -16.09 5.63
C LYS B 269 -13.22 -16.96 4.91
N ASN B 270 -12.10 -16.40 4.47
CA ASN B 270 -11.21 -17.08 3.48
C ASN B 270 -9.87 -16.36 3.33
N GLN B 271 -8.76 -17.01 3.66
CA GLN B 271 -7.39 -16.42 3.72
C GLN B 271 -6.93 -16.07 2.30
N GLN B 272 -7.37 -16.82 1.29
CA GLN B 272 -6.84 -16.66 -0.10
C GLN B 272 -7.18 -15.25 -0.59
N LEU B 273 -8.40 -14.78 -0.32
CA LEU B 273 -8.90 -13.42 -0.68
C LEU B 273 -8.16 -12.34 0.12
N GLN B 274 -7.97 -12.58 1.43
CA GLN B 274 -7.34 -11.66 2.42
C GLN B 274 -6.14 -10.90 1.83
N ASP B 275 -5.17 -11.64 1.27
CA ASP B 275 -3.87 -11.14 0.72
C ASP B 275 -4.13 -9.96 -0.21
N LEU B 276 -4.98 -10.18 -1.22
CA LEU B 276 -5.31 -9.21 -2.29
C LEU B 276 -6.44 -8.28 -1.82
N ASP B 277 -6.88 -8.46 -0.57
CA ASP B 277 -7.98 -7.74 0.11
C ASP B 277 -9.17 -7.59 -0.83
N ILE B 278 -9.76 -8.72 -1.25
CA ILE B 278 -10.87 -8.79 -2.24
C ILE B 278 -12.00 -9.65 -1.68
N PHE B 279 -13.25 -9.30 -1.96
CA PHE B 279 -14.42 -10.18 -1.76
C PHE B 279 -14.92 -10.65 -3.13
N VAL B 280 -15.73 -11.70 -3.16
CA VAL B 280 -16.23 -12.30 -4.42
C VAL B 280 -17.67 -12.76 -4.20
N ASN B 281 -18.67 -12.06 -4.76
CA ASN B 281 -20.09 -12.39 -4.56
C ASN B 281 -20.68 -12.89 -5.88
N SER B 282 -21.76 -13.68 -5.76
CA SER B 282 -22.63 -14.22 -6.84
C SER B 282 -24.08 -13.88 -6.50
N VAL B 283 -24.57 -12.74 -6.99
CA VAL B 283 -25.96 -12.27 -6.75
C VAL B 283 -26.85 -12.91 -7.80
N ASP B 284 -27.94 -13.57 -7.39
CA ASP B 284 -29.04 -14.02 -8.28
C ASP B 284 -30.23 -13.08 -8.07
N ILE B 285 -30.85 -12.61 -9.16
CA ILE B 285 -32.05 -11.72 -9.11
C ILE B 285 -33.14 -12.27 -10.04
N LYS B 286 -34.32 -12.60 -9.48
CA LYS B 286 -35.45 -13.27 -10.20
C LYS B 286 -36.07 -12.28 -11.19
N GLU B 287 -36.27 -12.74 -12.42
CA GLU B 287 -37.14 -12.10 -13.43
C GLU B 287 -38.15 -11.23 -12.71
N GLY B 288 -38.28 -9.97 -13.10
CA GLY B 288 -39.32 -9.06 -12.60
C GLY B 288 -39.10 -8.70 -11.15
N SER B 289 -37.88 -8.95 -10.66
CA SER B 289 -37.46 -8.56 -9.28
C SER B 289 -36.27 -7.59 -9.35
N LEU B 290 -35.75 -7.19 -8.21
CA LEU B 290 -34.95 -5.96 -8.04
C LEU B 290 -34.12 -6.06 -6.76
N LEU B 291 -32.80 -5.84 -6.86
CA LEU B 291 -31.89 -5.67 -5.69
C LEU B 291 -32.12 -4.26 -5.18
N LEU B 292 -32.68 -4.14 -3.97
CA LEU B 292 -33.09 -2.84 -3.37
C LEU B 292 -31.86 -1.95 -3.26
N PRO B 293 -32.02 -0.63 -3.48
CA PRO B 293 -30.92 0.33 -3.33
C PRO B 293 -30.01 0.08 -2.11
N ASN B 294 -28.73 -0.19 -2.40
CA ASN B 294 -27.66 -0.40 -1.38
C ASN B 294 -26.36 0.26 -1.86
N TYR B 295 -25.56 0.75 -0.91
CA TYR B 295 -24.15 1.15 -1.15
C TYR B 295 -23.23 0.43 -0.16
N ASN B 296 -22.16 -0.16 -0.70
CA ASN B 296 -20.90 -0.55 -0.01
C ASN B 296 -20.27 0.70 0.61
N SER B 297 -19.90 0.62 1.88
CA SER B 297 -19.18 1.67 2.65
C SER B 297 -17.93 2.11 1.90
N ARG B 298 -17.03 1.16 1.61
CA ARG B 298 -15.66 1.40 1.10
C ARG B 298 -15.25 0.47 -0.05
N ALA B 299 -16.12 -0.43 -0.53
CA ALA B 299 -15.74 -1.46 -1.52
C ALA B 299 -16.06 -0.96 -2.93
N ILE B 300 -15.09 -1.08 -3.84
CA ILE B 300 -15.23 -0.82 -5.30
C ILE B 300 -15.49 -2.17 -5.99
N VAL B 301 -16.72 -2.42 -6.44
CA VAL B 301 -17.12 -3.75 -6.99
C VAL B 301 -17.03 -3.73 -8.51
N ILE B 302 -16.48 -4.79 -9.10
CA ILE B 302 -16.43 -5.00 -10.58
C ILE B 302 -17.48 -6.07 -10.92
N VAL B 303 -18.72 -5.65 -11.20
CA VAL B 303 -19.90 -6.53 -11.41
C VAL B 303 -19.92 -6.99 -12.87
N THR B 304 -20.08 -8.29 -13.10
CA THR B 304 -20.00 -8.95 -14.45
C THR B 304 -21.23 -9.82 -14.70
N VAL B 305 -22.11 -9.43 -15.64
CA VAL B 305 -23.41 -10.16 -15.89
C VAL B 305 -23.09 -11.50 -16.55
N THR B 306 -23.41 -12.61 -15.90
CA THR B 306 -23.04 -13.97 -16.33
C THR B 306 -24.12 -14.48 -17.27
N GLU B 307 -25.38 -14.28 -16.88
CA GLU B 307 -26.54 -14.61 -17.72
C GLU B 307 -27.74 -13.75 -17.27
N GLY B 308 -28.77 -13.69 -18.13
CA GLY B 308 -30.00 -12.93 -17.89
C GLY B 308 -29.86 -11.53 -18.42
N LYS B 309 -30.91 -10.74 -18.32
CA LYS B 309 -30.88 -9.32 -18.71
C LYS B 309 -31.50 -8.52 -17.56
N GLY B 310 -31.35 -7.21 -17.63
CA GLY B 310 -31.77 -6.29 -16.57
C GLY B 310 -31.06 -4.98 -16.74
N ASP B 311 -31.20 -4.08 -15.77
CA ASP B 311 -30.67 -2.70 -15.81
C ASP B 311 -30.12 -2.40 -14.43
N PHE B 312 -29.13 -1.51 -14.35
CA PHE B 312 -28.65 -0.92 -13.07
C PHE B 312 -28.89 0.60 -13.10
N GLU B 313 -29.35 1.12 -11.97
CA GLU B 313 -29.32 2.56 -11.64
C GLU B 313 -28.18 2.74 -10.65
N LEU B 314 -27.25 3.65 -10.94
CA LEU B 314 -26.16 4.09 -10.02
C LEU B 314 -26.43 5.59 -9.76
N VAL B 315 -26.15 6.09 -8.54
CA VAL B 315 -26.34 7.51 -8.16
C VAL B 315 -24.99 8.13 -7.82
N GLY B 316 -24.34 8.72 -8.81
CA GLY B 316 -23.10 9.48 -8.62
C GLY B 316 -23.40 10.96 -8.53
N GLN B 317 -22.56 11.78 -9.17
CA GLN B 317 -22.70 13.27 -9.20
C GLN B 317 -22.33 13.77 -10.60
N ARG B 318 -22.75 15.01 -10.91
CA ARG B 318 -22.29 15.91 -12.01
C ARG B 318 -23.32 15.89 -13.14
N LYS B 338 -28.16 19.49 -9.49
CA LYS B 338 -27.16 20.39 -8.85
C LYS B 338 -25.94 19.61 -8.37
N GLN B 339 -26.08 18.30 -8.15
CA GLN B 339 -24.94 17.38 -7.92
C GLN B 339 -25.37 15.96 -8.32
N VAL B 340 -26.36 15.38 -7.65
CA VAL B 340 -26.72 13.94 -7.83
C VAL B 340 -27.08 13.70 -9.29
N GLN B 341 -26.59 12.60 -9.85
CA GLN B 341 -26.75 12.16 -11.26
C GLN B 341 -27.09 10.67 -11.28
N LEU B 342 -28.16 10.31 -11.99
CA LEU B 342 -28.60 8.91 -12.21
C LEU B 342 -27.80 8.36 -13.38
N TYR B 343 -26.92 7.38 -13.16
CA TYR B 343 -26.14 6.67 -14.20
C TYR B 343 -26.85 5.33 -14.50
N ARG B 344 -27.31 5.15 -15.72
CA ARG B 344 -28.22 4.05 -16.15
C ARG B 344 -27.59 3.26 -17.28
N ALA B 345 -28.00 1.99 -17.44
CA ALA B 345 -27.53 1.11 -18.54
C ALA B 345 -28.30 -0.22 -18.48
N LYS B 346 -28.82 -0.69 -19.61
CA LYS B 346 -29.37 -2.07 -19.71
C LYS B 346 -28.19 -3.05 -19.66
N LEU B 347 -28.40 -4.26 -19.13
CA LEU B 347 -27.37 -5.28 -18.80
C LEU B 347 -27.67 -6.57 -19.55
N SER B 348 -26.62 -7.30 -19.95
CA SER B 348 -26.68 -8.51 -20.80
C SER B 348 -25.40 -9.32 -20.66
N PRO B 349 -25.45 -10.67 -20.82
CA PRO B 349 -24.29 -11.53 -20.53
C PRO B 349 -22.97 -11.03 -21.15
N GLY B 350 -22.02 -10.63 -20.30
CA GLY B 350 -20.71 -10.15 -20.72
C GLY B 350 -20.47 -8.72 -20.27
N ASP B 351 -21.49 -7.85 -20.40
CA ASP B 351 -21.51 -6.46 -19.85
C ASP B 351 -20.89 -6.49 -18.44
N VAL B 352 -20.02 -5.52 -18.15
CA VAL B 352 -19.39 -5.29 -16.82
C VAL B 352 -19.90 -3.93 -16.34
N PHE B 353 -19.96 -3.69 -15.04
CA PHE B 353 -20.05 -2.29 -14.51
C PHE B 353 -19.28 -2.17 -13.20
N VAL B 354 -18.96 -0.92 -12.84
CA VAL B 354 -18.20 -0.56 -11.60
C VAL B 354 -19.17 0.20 -10.69
N ILE B 355 -19.20 -0.17 -9.40
CA ILE B 355 -19.94 0.51 -8.29
C ILE B 355 -18.92 1.09 -7.31
N PRO B 356 -18.47 2.35 -7.51
CA PRO B 356 -17.56 2.98 -6.57
C PRO B 356 -18.17 2.89 -5.16
N ALA B 357 -17.30 2.73 -4.16
CA ALA B 357 -17.64 2.86 -2.72
C ALA B 357 -18.61 4.01 -2.55
N GLY B 358 -19.64 3.84 -1.72
CA GLY B 358 -20.55 4.94 -1.36
C GLY B 358 -21.64 5.19 -2.39
N HIS B 359 -21.49 4.69 -3.62
CA HIS B 359 -22.43 4.98 -4.74
C HIS B 359 -23.63 4.05 -4.61
N PRO B 360 -24.86 4.57 -4.43
CA PRO B 360 -26.05 3.73 -4.33
C PRO B 360 -26.29 3.05 -5.67
N VAL B 361 -26.90 1.87 -5.65
CA VAL B 361 -27.10 1.03 -6.85
C VAL B 361 -28.30 0.12 -6.59
N ALA B 362 -29.27 0.14 -7.51
CA ALA B 362 -30.37 -0.85 -7.65
C ALA B 362 -30.10 -1.64 -8.93
N ILE B 363 -30.43 -2.93 -8.95
CA ILE B 363 -30.29 -3.78 -10.17
C ILE B 363 -31.64 -4.41 -10.42
N ASN B 364 -32.29 -4.04 -11.53
CA ASN B 364 -33.53 -4.69 -12.05
C ASN B 364 -33.14 -5.90 -12.90
N ALA B 365 -34.02 -6.90 -12.97
CA ALA B 365 -33.89 -8.10 -13.83
C ALA B 365 -35.11 -8.19 -14.75
N SER B 366 -34.89 -8.08 -16.07
CA SER B 366 -35.90 -8.35 -17.11
C SER B 366 -36.17 -9.85 -17.09
N SER B 367 -35.10 -10.67 -17.09
CA SER B 367 -35.11 -12.14 -16.95
C SER B 367 -34.18 -12.56 -15.82
N ASP B 368 -34.35 -13.76 -15.25
CA ASP B 368 -33.48 -14.30 -14.17
C ASP B 368 -32.02 -13.96 -14.50
N LEU B 369 -31.30 -13.30 -13.58
CA LEU B 369 -30.01 -12.57 -13.79
C LEU B 369 -28.99 -12.94 -12.69
N ASN B 370 -27.91 -13.62 -13.04
CA ASN B 370 -26.75 -13.87 -12.15
C ASN B 370 -25.63 -12.85 -12.43
N LEU B 371 -24.97 -12.38 -11.36
CA LEU B 371 -23.87 -11.37 -11.37
C LEU B 371 -22.71 -11.88 -10.53
N ILE B 372 -21.47 -11.63 -10.92
CA ILE B 372 -20.25 -11.99 -10.13
C ILE B 372 -19.48 -10.71 -9.78
N GLY B 373 -19.52 -10.34 -8.50
CA GLY B 373 -18.82 -9.14 -8.02
C GLY B 373 -17.45 -9.47 -7.48
N PHE B 374 -16.46 -8.71 -7.92
CA PHE B 374 -15.12 -8.64 -7.31
C PHE B 374 -15.05 -7.39 -6.44
N GLY B 375 -15.29 -7.54 -5.14
CA GLY B 375 -15.06 -6.44 -4.19
C GLY B 375 -13.59 -6.12 -4.09
N ILE B 376 -13.20 -4.87 -4.37
CA ILE B 376 -11.83 -4.38 -4.12
C ILE B 376 -11.86 -3.53 -2.84
N ASN B 377 -10.81 -3.63 -2.01
CA ASN B 377 -10.70 -2.99 -0.68
C ASN B 377 -11.82 -3.58 0.18
N ALA B 378 -11.82 -4.90 0.37
CA ALA B 378 -12.95 -5.69 0.93
C ALA B 378 -13.04 -5.63 2.47
N GLU B 379 -11.92 -5.72 3.21
CA GLU B 379 -11.90 -5.83 4.70
C GLU B 379 -12.68 -4.67 5.32
N ASN B 380 -13.56 -4.94 6.28
CA ASN B 380 -14.33 -3.96 7.08
C ASN B 380 -15.38 -3.25 6.21
N ASN B 381 -15.67 -3.75 5.01
CA ASN B 381 -16.76 -3.16 4.19
C ASN B 381 -18.09 -3.43 4.89
N GLU B 382 -18.97 -2.43 4.95
CA GLU B 382 -20.39 -2.61 5.33
C GLU B 382 -21.27 -2.09 4.20
N ARG B 383 -21.97 -2.96 3.49
CA ARG B 383 -23.03 -2.61 2.51
C ARG B 383 -24.27 -2.20 3.31
N ASN B 384 -24.83 -1.04 3.02
CA ASN B 384 -26.05 -0.53 3.71
C ASN B 384 -27.18 -0.44 2.69
N PHE B 385 -28.35 -0.97 3.02
CA PHE B 385 -29.57 -0.81 2.17
C PHE B 385 -30.28 0.47 2.54
N LEU B 386 -31.15 0.92 1.64
CA LEU B 386 -31.83 2.23 1.73
C LEU B 386 -33.32 2.01 1.55
N ALA B 387 -33.81 0.77 1.71
CA ALA B 387 -35.23 0.41 1.55
C ALA B 387 -35.45 -1.03 2.01
N GLY B 388 -36.64 -1.32 2.53
CA GLY B 388 -36.94 -2.64 3.12
C GLY B 388 -36.65 -2.68 4.62
N GLU B 389 -37.05 -3.77 5.27
CA GLU B 389 -37.01 -3.98 6.74
C GLU B 389 -35.57 -3.95 7.25
N GLU B 390 -34.75 -4.90 6.78
CA GLU B 390 -33.43 -5.24 7.35
C GLU B 390 -32.30 -4.42 6.69
N ASP B 391 -31.23 -4.18 7.44
CA ASP B 391 -30.00 -3.44 7.04
C ASP B 391 -30.36 -2.09 6.41
N ASN B 392 -31.61 -1.66 6.51
CA ASN B 392 -32.04 -0.34 5.98
C ASN B 392 -31.52 0.74 6.93
N VAL B 393 -30.52 1.49 6.49
CA VAL B 393 -29.71 2.42 7.34
C VAL B 393 -30.50 3.70 7.59
N ILE B 394 -31.48 4.01 6.75
CA ILE B 394 -32.26 5.28 6.88
C ILE B 394 -33.13 5.16 8.13
N SER B 395 -33.65 3.96 8.40
CA SER B 395 -34.58 3.72 9.52
C SER B 395 -33.84 3.82 10.86
N GLN B 396 -32.50 3.79 10.84
CA GLN B 396 -31.70 4.05 12.08
C GLN B 396 -31.70 5.54 12.42
N VAL B 397 -32.04 6.45 11.51
CA VAL B 397 -32.08 7.91 11.85
C VAL B 397 -33.13 8.12 12.94
N GLU B 398 -32.78 8.78 14.04
CA GLU B 398 -33.67 9.10 15.18
C GLU B 398 -34.92 9.80 14.67
N ARG B 399 -36.07 9.65 15.33
CA ARG B 399 -37.40 10.17 14.91
C ARG B 399 -37.40 11.70 14.72
N PRO B 400 -36.88 12.49 15.67
CA PRO B 400 -36.81 13.94 15.51
C PRO B 400 -35.91 14.38 14.35
N VAL B 401 -34.94 13.55 13.96
CA VAL B 401 -34.02 13.86 12.81
C VAL B 401 -34.72 13.54 11.49
N LYS B 402 -35.45 12.42 11.39
CA LYS B 402 -36.29 12.13 10.20
C LYS B 402 -37.15 13.37 9.92
N GLU B 403 -37.92 13.81 10.93
CA GLU B 403 -38.78 15.02 10.88
C GLU B 403 -38.00 16.14 10.16
N LEU B 404 -36.75 16.38 10.61
CA LEU B 404 -35.83 17.45 10.16
C LEU B 404 -35.23 17.17 8.77
N ALA B 405 -34.52 16.05 8.62
CA ALA B 405 -33.83 15.67 7.37
C ALA B 405 -34.82 15.66 6.19
N PHE B 406 -35.99 15.05 6.37
CA PHE B 406 -36.99 14.81 5.29
C PHE B 406 -38.15 15.80 5.36
N PRO B 407 -38.70 16.17 4.18
CA PRO B 407 -39.68 17.25 4.08
C PRO B 407 -40.98 16.89 4.81
N GLY B 408 -41.28 15.59 4.87
CA GLY B 408 -42.40 15.03 5.63
C GLY B 408 -42.16 15.00 7.12
N SER B 409 -42.85 14.08 7.79
CA SER B 409 -42.99 13.97 9.27
C SER B 409 -42.43 12.63 9.77
N SER B 410 -41.74 12.65 10.91
CA SER B 410 -41.27 11.44 11.64
C SER B 410 -42.22 10.28 11.34
N HIS B 411 -43.52 10.49 11.55
CA HIS B 411 -44.58 9.46 11.44
C HIS B 411 -44.76 9.03 9.96
N GLU B 412 -44.87 10.00 9.03
CA GLU B 412 -45.09 9.77 7.57
C GLU B 412 -43.95 8.97 6.96
N VAL B 413 -42.73 9.23 7.42
CA VAL B 413 -41.45 8.59 6.98
C VAL B 413 -41.40 7.15 7.50
N ASP B 414 -41.68 6.95 8.79
CA ASP B 414 -41.82 5.65 9.48
C ASP B 414 -42.79 4.75 8.69
N ARG B 415 -43.92 5.29 8.22
CA ARG B 415 -44.93 4.51 7.44
C ARG B 415 -44.34 4.12 6.08
N LEU B 416 -43.83 5.08 5.32
CA LEU B 416 -43.28 4.83 3.96
C LEU B 416 -42.22 3.72 4.05
N LEU B 417 -41.43 3.73 5.12
CA LEU B 417 -40.32 2.79 5.27
C LEU B 417 -40.85 1.41 5.63
N LYS B 418 -41.99 1.34 6.32
CA LYS B 418 -42.68 0.08 6.66
C LYS B 418 -43.46 -0.47 5.46
N ASN B 419 -43.52 0.25 4.33
CA ASN B 419 -44.33 -0.13 3.14
C ASN B 419 -43.64 -1.29 2.40
N GLN B 420 -42.34 -1.16 2.13
CA GLN B 420 -41.51 -2.28 1.64
C GLN B 420 -41.33 -3.24 2.82
N LYS B 421 -41.96 -4.41 2.73
CA LYS B 421 -41.98 -5.48 3.78
C LYS B 421 -40.86 -6.50 3.50
N GLN B 422 -40.36 -6.56 2.26
CA GLN B 422 -39.22 -7.42 1.87
C GLN B 422 -37.92 -6.68 2.25
N SER B 423 -36.82 -7.42 2.34
CA SER B 423 -35.47 -6.91 2.63
C SER B 423 -34.52 -7.41 1.54
N TYR B 424 -33.57 -6.57 1.13
CA TYR B 424 -32.50 -6.94 0.16
C TYR B 424 -33.05 -6.97 -1.26
N PHE B 425 -33.86 -7.98 -1.63
CA PHE B 425 -34.57 -8.10 -2.93
C PHE B 425 -36.08 -7.98 -2.76
N ALA B 426 -36.74 -7.41 -3.75
CA ALA B 426 -38.18 -7.08 -3.72
C ALA B 426 -38.76 -7.25 -5.12
N ASN B 427 -40.07 -7.16 -5.22
CA ASN B 427 -40.78 -7.21 -6.52
C ASN B 427 -40.68 -5.83 -7.19
N ALA B 428 -40.62 -5.80 -8.53
CA ALA B 428 -41.02 -4.68 -9.41
C ALA B 428 -42.05 -5.21 -10.42
N GLN C 24 20.30 1.01 -24.23
CA GLN C 24 19.08 1.31 -25.06
C GLN C 24 18.58 0.03 -25.74
N GLU C 25 19.48 -0.83 -26.22
CA GLU C 25 19.13 -2.16 -26.77
C GLU C 25 18.64 -3.05 -25.61
N ASN C 26 19.00 -2.67 -24.37
CA ASN C 26 18.62 -3.37 -23.11
C ASN C 26 18.37 -2.33 -22.01
N PRO C 27 17.15 -2.29 -21.41
CA PRO C 27 16.87 -1.37 -20.30
C PRO C 27 17.31 -1.92 -18.93
N PHE C 28 17.41 -3.25 -18.79
CA PHE C 28 17.51 -3.97 -17.50
C PHE C 28 18.88 -3.77 -16.85
N ILE C 29 19.92 -3.51 -17.64
CA ILE C 29 21.34 -3.50 -17.19
C ILE C 29 21.80 -2.04 -16.99
N PHE C 30 21.92 -1.62 -15.72
CA PHE C 30 22.44 -0.30 -15.28
C PHE C 30 23.94 -0.47 -15.00
N LYS C 31 24.78 0.04 -15.90
CA LYS C 31 26.25 -0.09 -15.84
C LYS C 31 26.81 0.68 -14.64
N SER C 32 27.94 0.22 -14.08
CA SER C 32 28.67 0.81 -12.93
C SER C 32 28.93 2.31 -13.13
N ASN C 33 28.89 2.80 -14.37
CA ASN C 33 29.02 4.25 -14.67
C ASN C 33 27.74 4.98 -14.26
N ARG C 34 26.57 4.36 -14.47
CA ARG C 34 25.22 5.00 -14.37
C ARG C 34 24.93 5.43 -12.92
N PHE C 35 25.75 4.95 -11.97
CA PHE C 35 25.93 5.49 -10.59
C PHE C 35 26.50 6.92 -10.66
N GLN C 36 25.67 7.93 -10.40
CA GLN C 36 26.08 9.34 -10.15
C GLN C 36 26.87 9.34 -8.82
N THR C 37 27.83 10.26 -8.66
CA THR C 37 28.67 10.34 -7.42
C THR C 37 28.13 11.50 -6.57
N LEU C 38 27.60 11.22 -5.39
CA LEU C 38 27.00 12.26 -4.50
C LEU C 38 28.14 13.11 -3.93
N TYR C 39 28.97 12.49 -3.09
CA TYR C 39 30.11 13.15 -2.40
C TYR C 39 31.34 12.26 -2.55
N GLU C 40 32.51 12.90 -2.55
CA GLU C 40 33.84 12.22 -2.54
C GLU C 40 34.86 13.09 -1.79
N ASN C 41 35.87 12.43 -1.22
CA ASN C 41 37.02 13.10 -0.56
C ASN C 41 38.22 12.13 -0.64
N GLU C 42 39.38 12.52 -0.11
CA GLU C 42 40.61 11.69 -0.16
C GLU C 42 40.44 10.45 0.74
N ASN C 43 39.22 10.13 1.19
CA ASN C 43 38.95 9.05 2.19
C ASN C 43 37.82 8.13 1.75
N GLY C 44 37.09 8.46 0.68
CA GLY C 44 36.02 7.62 0.12
C GLY C 44 34.94 8.44 -0.56
N HIS C 45 33.85 7.75 -0.94
CA HIS C 45 32.72 8.32 -1.73
C HIS C 45 31.43 7.59 -1.42
N ILE C 46 30.32 8.31 -1.52
CA ILE C 46 28.94 7.76 -1.60
C ILE C 46 28.44 8.03 -3.01
N ARG C 47 28.15 6.96 -3.76
CA ARG C 47 27.65 7.03 -5.17
C ARG C 47 26.22 6.49 -5.18
N LEU C 48 25.31 7.23 -5.85
CA LEU C 48 23.86 6.88 -6.01
C LEU C 48 23.61 6.34 -7.44
N LEU C 49 22.94 5.20 -7.58
CA LEU C 49 22.50 4.65 -8.89
C LEU C 49 21.47 5.57 -9.57
N GLN C 50 21.33 5.46 -10.90
CA GLN C 50 20.33 6.20 -11.70
C GLN C 50 18.94 5.75 -11.23
N LYS C 51 18.03 6.71 -10.99
CA LYS C 51 16.61 6.44 -10.60
C LYS C 51 16.01 5.43 -11.58
N PHE C 52 15.55 4.29 -11.07
CA PHE C 52 15.09 3.12 -11.87
C PHE C 52 14.06 3.58 -12.91
N ASP C 53 13.06 4.37 -12.53
CA ASP C 53 11.91 4.62 -13.44
C ASP C 53 12.30 5.57 -14.58
N LYS C 54 13.42 6.31 -14.45
CA LYS C 54 13.95 7.21 -15.53
C LYS C 54 14.47 6.36 -16.69
N ARG C 55 15.46 5.51 -16.45
CA ARG C 55 16.06 4.59 -17.45
C ARG C 55 14.98 4.01 -18.38
N SER C 56 13.84 3.62 -17.81
CA SER C 56 12.68 3.04 -18.56
C SER C 56 11.39 3.19 -17.76
N LYS C 57 10.29 3.59 -18.42
CA LYS C 57 8.93 3.63 -17.85
C LYS C 57 8.57 2.24 -17.29
N ILE C 58 9.21 1.20 -17.82
CA ILE C 58 8.93 -0.24 -17.50
C ILE C 58 9.25 -0.56 -16.03
N PHE C 59 10.10 0.22 -15.33
CA PHE C 59 10.42 -0.01 -13.90
C PHE C 59 9.61 0.94 -13.01
N GLU C 60 8.31 1.09 -13.28
CA GLU C 60 7.44 2.10 -12.62
C GLU C 60 7.31 1.78 -11.12
N ASN C 61 7.45 0.50 -10.74
CA ASN C 61 7.24 0.00 -9.35
C ASN C 61 8.51 0.16 -8.49
N LEU C 62 9.70 0.21 -9.12
CA LEU C 62 11.00 0.38 -8.40
C LEU C 62 11.32 1.86 -8.26
N GLN C 63 10.35 2.74 -8.57
CA GLN C 63 10.56 4.22 -8.60
C GLN C 63 10.91 4.70 -7.19
N ASN C 64 10.50 3.93 -6.17
CA ASN C 64 10.63 4.27 -4.74
C ASN C 64 11.76 3.48 -4.03
N TYR C 65 12.59 2.76 -4.78
CA TYR C 65 13.82 2.09 -4.27
C TYR C 65 15.05 2.72 -4.95
N ARG C 66 16.10 3.02 -4.16
CA ARG C 66 17.41 3.51 -4.66
C ARG C 66 18.51 2.56 -4.20
N LEU C 67 19.54 2.39 -5.02
CA LEU C 67 20.84 1.79 -4.62
C LEU C 67 21.87 2.88 -4.31
N LEU C 68 22.81 2.56 -3.42
CA LEU C 68 23.96 3.41 -3.09
C LEU C 68 25.15 2.49 -2.87
N GLU C 69 26.37 2.97 -3.12
CA GLU C 69 27.66 2.31 -2.75
C GLU C 69 28.46 3.25 -1.83
N TYR C 70 28.62 2.88 -0.56
CA TYR C 70 29.59 3.49 0.39
C TYR C 70 30.93 2.77 0.24
N LYS C 71 32.01 3.50 0.00
CA LYS C 71 33.41 2.97 0.00
C LYS C 71 34.28 3.91 0.84
N SER C 72 35.16 3.37 1.67
CA SER C 72 36.08 4.16 2.53
C SER C 72 37.42 3.44 2.70
N LYS C 73 38.50 4.21 2.67
CA LYS C 73 39.88 3.72 2.95
C LYS C 73 39.95 3.32 4.42
N PRO C 74 41.07 2.71 4.89
CA PRO C 74 41.14 2.22 6.26
C PRO C 74 41.35 3.38 7.23
N HIS C 75 40.76 3.29 8.43
CA HIS C 75 40.85 4.31 9.51
C HIS C 75 40.21 5.61 9.03
N THR C 76 38.93 5.55 8.64
CA THR C 76 38.12 6.71 8.18
C THR C 76 36.70 6.57 8.76
N LEU C 77 35.96 7.68 8.79
CA LEU C 77 34.70 7.81 9.54
C LEU C 77 33.72 8.68 8.74
N PHE C 78 32.63 8.09 8.24
CA PHE C 78 31.41 8.80 7.76
C PHE C 78 30.73 9.42 8.98
N LEU C 79 30.71 10.75 9.12
CA LEU C 79 30.33 11.40 10.39
C LEU C 79 28.81 11.35 10.60
N PRO C 80 28.32 11.51 11.86
CA PRO C 80 26.90 11.51 12.16
C PRO C 80 25.99 12.06 11.06
N GLN C 81 25.09 11.21 10.56
CA GLN C 81 24.15 11.53 9.45
C GLN C 81 22.90 10.66 9.56
N TYR C 82 21.75 11.22 9.16
CA TYR C 82 20.46 10.51 8.99
C TYR C 82 19.80 11.03 7.70
N THR C 83 18.77 10.31 7.22
CA THR C 83 18.02 10.59 5.96
C THR C 83 16.53 10.23 6.13
N ASP C 84 15.73 10.36 5.07
CA ASP C 84 14.26 10.13 5.10
C ASP C 84 13.93 8.81 4.38
N ALA C 85 14.83 7.83 4.46
CA ALA C 85 14.72 6.53 3.76
C ALA C 85 15.15 5.41 4.69
N ASP C 86 14.27 4.43 4.91
CA ASP C 86 14.66 3.10 5.41
C ASP C 86 15.80 2.60 4.53
N PHE C 87 16.93 2.27 5.16
CA PHE C 87 18.17 1.72 4.57
C PHE C 87 18.29 0.23 4.89
N ILE C 88 18.88 -0.54 3.97
CA ILE C 88 19.51 -1.83 4.29
C ILE C 88 20.97 -1.76 3.81
N LEU C 89 21.93 -1.86 4.73
CA LEU C 89 23.40 -1.90 4.47
C LEU C 89 23.84 -3.36 4.41
N VAL C 90 24.43 -3.76 3.29
CA VAL C 90 25.00 -5.12 3.05
C VAL C 90 26.50 -4.96 2.81
N VAL C 91 27.30 -5.22 3.87
CA VAL C 91 28.79 -5.10 3.85
C VAL C 91 29.32 -6.11 2.83
N LEU C 92 29.68 -5.62 1.65
CA LEU C 92 30.25 -6.41 0.52
C LEU C 92 31.62 -6.96 0.95
N SER C 93 32.52 -6.08 1.40
CA SER C 93 33.90 -6.41 1.83
C SER C 93 34.39 -5.45 2.92
N GLY C 94 35.45 -5.85 3.64
CA GLY C 94 36.09 -5.05 4.69
C GLY C 94 35.45 -5.28 6.05
N LYS C 95 36.08 -4.73 7.09
CA LYS C 95 35.59 -4.73 8.49
C LYS C 95 35.14 -3.30 8.83
N ALA C 96 34.03 -3.15 9.56
CA ALA C 96 33.40 -1.85 9.84
C ALA C 96 32.97 -1.78 11.29
N THR C 97 32.76 -0.57 11.81
CA THR C 97 32.06 -0.32 13.10
C THR C 97 30.95 0.72 12.81
N LEU C 98 29.72 0.22 12.65
CA LEU C 98 28.45 0.99 12.56
C LEU C 98 27.95 1.27 13.99
N THR C 99 27.97 2.53 14.42
CA THR C 99 27.40 2.99 15.71
C THR C 99 26.04 3.66 15.46
N VAL C 100 24.97 3.10 16.03
CA VAL C 100 23.54 3.41 15.72
C VAL C 100 22.87 4.12 16.91
N LEU C 101 22.53 5.39 16.75
CA LEU C 101 21.98 6.27 17.81
C LEU C 101 20.45 6.17 17.80
N LYS C 102 19.89 5.80 18.94
CA LYS C 102 18.50 6.14 19.35
C LYS C 102 18.59 7.50 20.04
N SER C 103 17.48 8.03 20.53
CA SER C 103 17.37 9.38 21.15
C SER C 103 17.86 9.34 22.61
N ASN C 104 17.68 8.19 23.25
CA ASN C 104 18.03 8.00 24.69
C ASN C 104 19.02 6.84 24.83
N ASP C 105 19.46 6.22 23.73
CA ASP C 105 20.42 5.08 23.77
C ASP C 105 21.34 5.16 22.55
N ARG C 106 22.33 4.26 22.51
CA ARG C 106 23.31 4.08 21.40
C ARG C 106 23.81 2.64 21.43
N ASN C 107 24.04 2.02 20.26
CA ASN C 107 24.54 0.63 20.17
C ASN C 107 25.43 0.51 18.95
N SER C 108 26.68 0.05 19.15
CA SER C 108 27.71 -0.09 18.09
C SER C 108 27.83 -1.56 17.69
N PHE C 109 28.17 -1.81 16.42
CA PHE C 109 28.25 -3.16 15.79
C PHE C 109 29.49 -3.27 14.90
N ASN C 110 30.26 -4.34 15.07
CA ASN C 110 31.36 -4.75 14.16
C ASN C 110 30.74 -5.56 13.03
N LEU C 111 31.08 -5.24 11.78
CA LEU C 111 30.48 -5.82 10.54
C LEU C 111 31.56 -6.47 9.67
N GLU C 112 31.33 -7.72 9.25
CA GLU C 112 32.21 -8.53 8.37
C GLU C 112 31.55 -8.59 6.97
N ARG C 113 32.09 -9.34 6.00
CA ARG C 113 31.44 -9.57 4.68
C ARG C 113 30.14 -10.37 4.87
N GLY C 114 29.05 -9.95 4.23
CA GLY C 114 27.76 -10.67 4.25
C GLY C 114 26.87 -10.24 5.41
N ASP C 115 27.39 -9.45 6.35
CA ASP C 115 26.56 -8.83 7.43
C ASP C 115 25.68 -7.75 6.80
N ALA C 116 24.37 -7.80 7.03
CA ALA C 116 23.40 -6.77 6.60
C ALA C 116 22.56 -6.36 7.81
N ILE C 117 22.17 -5.08 7.89
CA ILE C 117 21.31 -4.55 8.98
C ILE C 117 20.40 -3.47 8.42
N LYS C 118 19.21 -3.31 9.01
CA LYS C 118 18.22 -2.29 8.57
C LYS C 118 18.46 -1.01 9.35
N LEU C 119 18.61 0.12 8.65
CA LEU C 119 18.73 1.46 9.26
C LEU C 119 17.41 2.21 9.09
N PRO C 120 16.49 2.15 10.10
CA PRO C 120 15.22 2.85 10.03
C PRO C 120 15.41 4.32 9.63
N ALA C 121 14.58 4.84 8.73
CA ALA C 121 14.52 6.29 8.40
C ALA C 121 14.52 7.08 9.71
N GLY C 122 15.38 8.11 9.77
CA GLY C 122 15.48 9.05 10.90
C GLY C 122 16.69 8.76 11.74
N THR C 123 17.05 7.48 11.82
CA THR C 123 18.20 6.94 12.62
C THR C 123 19.50 7.68 12.30
N ILE C 124 20.07 8.36 13.29
CA ILE C 124 21.44 8.94 13.21
C ILE C 124 22.41 7.77 13.42
N ALA C 125 23.54 7.73 12.69
CA ALA C 125 24.59 6.68 12.78
C ALA C 125 25.79 7.06 11.90
N TYR C 126 26.97 6.54 12.27
CA TYR C 126 28.28 6.80 11.60
C TYR C 126 28.98 5.45 11.35
N LEU C 127 29.82 5.40 10.32
CA LEU C 127 30.45 4.16 9.81
C LEU C 127 31.98 4.32 9.76
N ALA C 128 32.69 3.51 10.56
CA ALA C 128 34.17 3.48 10.63
C ALA C 128 34.72 2.24 9.93
N ASN C 129 35.78 2.39 9.10
CA ASN C 129 36.56 1.24 8.54
C ASN C 129 37.68 0.89 9.52
N ARG C 130 37.53 -0.22 10.23
CA ARG C 130 38.40 -0.62 11.37
C ARG C 130 39.65 -1.38 10.87
N ASP C 131 39.52 -2.14 9.78
CA ASP C 131 40.68 -2.85 9.15
C ASP C 131 41.68 -1.74 8.79
N ASP C 132 42.97 -2.00 9.00
CA ASP C 132 44.07 -0.99 8.90
C ASP C 132 44.65 -0.96 7.48
N ASN C 133 44.32 -1.97 6.65
CA ASN C 133 44.84 -2.14 5.26
C ASN C 133 43.66 -2.21 4.28
N GLU C 134 42.69 -3.09 4.54
CA GLU C 134 41.55 -3.38 3.63
C GLU C 134 40.65 -2.12 3.46
N ASP C 135 40.19 -1.88 2.23
CA ASP C 135 39.08 -0.95 1.88
C ASP C 135 37.76 -1.50 2.44
N LEU C 136 36.84 -0.60 2.82
CA LEU C 136 35.46 -0.92 3.28
C LEU C 136 34.49 -0.67 2.12
N ARG C 137 33.57 -1.61 1.85
CA ARG C 137 32.64 -1.53 0.70
C ARG C 137 31.25 -2.02 1.12
N VAL C 138 30.25 -1.13 1.06
CA VAL C 138 28.90 -1.31 1.65
C VAL C 138 27.84 -0.93 0.60
N LEU C 139 26.92 -1.86 0.30
CA LEU C 139 25.81 -1.68 -0.68
C LEU C 139 24.51 -1.38 0.07
N ASP C 140 23.97 -0.17 -0.09
CA ASP C 140 22.75 0.29 0.63
C ASP C 140 21.56 0.21 -0.31
N LEU C 141 20.49 -0.49 0.08
CA LEU C 141 19.13 -0.33 -0.51
C LEU C 141 18.38 0.72 0.33
N ALA C 142 17.89 1.78 -0.32
CA ALA C 142 17.23 2.94 0.31
C ALA C 142 15.78 3.06 -0.16
N ILE C 143 14.83 3.21 0.77
CA ILE C 143 13.39 3.47 0.48
C ILE C 143 13.04 4.85 1.03
N PRO C 144 13.01 5.91 0.20
CA PRO C 144 12.60 7.23 0.67
C PRO C 144 11.14 7.21 1.12
N VAL C 145 10.82 7.93 2.18
CA VAL C 145 9.51 7.84 2.89
C VAL C 145 8.68 9.11 2.69
N ASN C 146 9.25 10.14 2.06
CA ASN C 146 8.77 11.55 2.07
C ASN C 146 8.27 11.94 0.67
N LYS C 147 9.05 11.62 -0.36
CA LYS C 147 8.65 11.73 -1.79
C LYS C 147 9.20 10.51 -2.52
N PRO C 148 8.43 9.84 -3.39
CA PRO C 148 8.91 8.62 -4.02
C PRO C 148 10.32 8.87 -4.60
N GLY C 149 11.32 8.12 -4.11
CA GLY C 149 12.66 8.02 -4.73
C GLY C 149 13.56 9.23 -4.50
N GLN C 150 13.20 10.16 -3.61
CA GLN C 150 14.05 11.33 -3.25
C GLN C 150 14.70 11.06 -1.88
N LEU C 151 16.03 11.01 -1.85
CA LEU C 151 16.80 10.89 -0.59
C LEU C 151 17.05 12.31 -0.06
N GLN C 152 17.04 12.49 1.26
CA GLN C 152 17.18 13.82 1.91
C GLN C 152 18.02 13.68 3.18
N SER C 153 19.34 13.99 3.10
CA SER C 153 20.34 13.77 4.19
C SER C 153 20.46 15.02 5.04
N PHE C 154 20.59 14.86 6.37
CA PHE C 154 20.91 15.95 7.32
C PHE C 154 22.20 15.61 8.09
N LEU C 155 23.30 16.28 7.69
CA LEU C 155 24.62 16.17 8.33
C LEU C 155 24.59 16.92 9.67
N LEU C 156 25.10 16.32 10.74
CA LEU C 156 25.43 17.04 12.01
C LEU C 156 26.72 17.82 11.76
N SER C 157 27.70 17.22 11.08
CA SER C 157 29.04 17.81 10.79
C SER C 157 28.87 18.94 9.78
N GLY C 158 28.36 20.07 10.25
CA GLY C 158 28.25 21.31 9.45
C GLY C 158 29.61 21.69 8.92
N THR C 159 30.01 21.08 7.80
CA THR C 159 31.33 21.24 7.14
C THR C 159 31.29 22.56 6.35
N GLN C 160 31.95 22.63 5.19
CA GLN C 160 32.08 23.91 4.43
C GLN C 160 31.25 23.78 3.15
N ASN C 161 30.80 24.89 2.57
CA ASN C 161 29.87 24.91 1.41
C ASN C 161 28.47 24.50 1.90
N GLN C 162 28.33 23.31 2.49
CA GLN C 162 27.14 22.89 3.27
C GLN C 162 27.39 23.21 4.74
N PRO C 163 26.73 24.25 5.33
CA PRO C 163 26.65 24.36 6.78
C PRO C 163 25.78 23.24 7.39
N SER C 164 25.79 23.12 8.73
CA SER C 164 25.13 22.07 9.57
C SER C 164 23.60 22.07 9.36
N LEU C 165 22.90 21.01 9.81
CA LEU C 165 21.42 21.02 9.91
C LEU C 165 21.02 22.04 11.00
N LEU C 166 21.89 22.24 12.00
CA LEU C 166 21.70 23.21 13.11
C LEU C 166 21.89 24.66 12.62
N SER C 167 22.75 24.87 11.62
CA SER C 167 22.97 26.17 10.90
C SER C 167 21.65 26.63 10.29
N GLY C 168 20.83 25.66 9.91
CA GLY C 168 19.50 25.86 9.32
C GLY C 168 18.62 26.76 10.18
N PHE C 169 18.64 26.58 11.51
CA PHE C 169 17.86 27.38 12.49
C PHE C 169 18.41 28.82 12.49
N SER C 170 17.86 29.68 13.35
CA SER C 170 18.24 31.10 13.44
C SER C 170 18.98 31.36 14.75
N LYS C 171 20.01 32.23 14.72
CA LYS C 171 20.78 32.64 15.91
C LYS C 171 19.78 32.70 17.06
N ASN C 172 18.75 33.51 16.89
CA ASN C 172 17.58 33.58 17.81
C ASN C 172 17.22 32.22 18.41
N ILE C 173 16.73 31.29 17.60
CA ILE C 173 16.13 30.01 18.09
C ILE C 173 17.25 29.17 18.75
N LEU C 174 18.35 28.93 18.02
CA LEU C 174 19.54 28.17 18.49
C LEU C 174 19.89 28.58 19.92
N GLU C 175 19.69 29.86 20.26
CA GLU C 175 19.98 30.38 21.63
C GLU C 175 18.92 29.85 22.60
N ALA C 176 17.65 30.12 22.30
CA ALA C 176 16.49 29.80 23.17
C ALA C 176 16.60 28.33 23.58
N ALA C 177 17.06 27.52 22.61
CA ALA C 177 17.05 26.05 22.62
C ALA C 177 18.24 25.53 23.42
N PHE C 178 19.47 25.86 23.00
CA PHE C 178 20.72 25.34 23.61
C PHE C 178 20.98 26.09 24.91
N ASN C 179 20.34 27.25 25.08
CA ASN C 179 20.42 28.07 26.31
C ASN C 179 21.87 28.54 26.45
N THR C 180 22.34 29.25 25.43
CA THR C 180 23.75 29.65 25.22
C THR C 180 23.77 30.85 24.27
N ASN C 181 24.70 31.79 24.43
CA ASN C 181 24.87 32.93 23.49
C ASN C 181 25.22 32.34 22.12
N TYR C 182 24.85 32.99 21.02
CA TYR C 182 25.07 32.47 19.64
C TYR C 182 26.57 32.38 19.35
N GLU C 183 27.36 33.38 19.80
CA GLU C 183 28.83 33.38 19.71
C GLU C 183 29.37 32.01 20.12
N GLU C 184 28.95 31.45 21.26
CA GLU C 184 29.51 30.17 21.79
C GLU C 184 29.00 28.97 20.98
N ILE C 185 27.73 28.97 20.55
CA ILE C 185 27.14 27.91 19.66
C ILE C 185 27.91 27.93 18.35
N GLU C 186 27.88 29.07 17.66
CA GLU C 186 28.61 29.36 16.40
C GLU C 186 30.06 28.86 16.52
N LYS C 187 30.73 29.08 17.65
CA LYS C 187 32.11 28.58 17.91
C LYS C 187 32.09 27.05 18.00
N VAL C 188 31.34 26.49 18.96
CA VAL C 188 31.39 25.05 19.38
C VAL C 188 30.67 24.15 18.35
N LEU C 189 29.53 24.55 17.77
CA LEU C 189 28.65 23.59 17.03
C LEU C 189 28.72 23.77 15.50
N LEU C 190 28.82 25.00 14.98
CA LEU C 190 28.60 25.33 13.53
C LEU C 190 29.90 25.82 12.86
N GLU C 191 30.61 26.76 13.49
CA GLU C 191 31.80 27.46 12.93
C GLU C 191 31.45 27.99 11.54
N VAL C 215 30.38 14.42 5.09
CA VAL C 215 31.87 14.35 5.05
C VAL C 215 32.34 13.09 5.79
N ILE C 216 33.36 12.45 5.22
CA ILE C 216 34.07 11.24 5.72
C ILE C 216 35.49 11.68 6.10
N VAL C 217 35.80 11.71 7.39
CA VAL C 217 37.07 12.27 7.92
C VAL C 217 38.01 11.12 8.30
N LYS C 218 39.23 11.47 8.71
CA LYS C 218 40.33 10.57 9.15
C LYS C 218 40.31 10.49 10.68
N VAL C 219 40.30 9.29 11.23
CA VAL C 219 40.28 9.03 12.69
C VAL C 219 41.60 8.33 13.04
N SER C 220 42.18 8.61 14.22
CA SER C 220 43.43 7.99 14.72
C SER C 220 43.23 6.49 14.95
N ARG C 221 44.31 5.70 14.88
CA ARG C 221 44.33 4.25 15.17
C ARG C 221 43.73 3.96 16.57
N GLU C 222 44.07 4.78 17.57
CA GLU C 222 43.62 4.65 18.97
C GLU C 222 42.09 4.92 19.05
N GLN C 223 41.57 5.87 18.25
CA GLN C 223 40.13 6.27 18.26
C GLN C 223 39.24 5.11 17.80
N ILE C 224 39.65 4.40 16.75
CA ILE C 224 38.92 3.23 16.18
C ILE C 224 38.92 2.08 17.18
N GLU C 225 39.99 1.97 17.98
CA GLU C 225 40.06 1.02 19.13
C GLU C 225 38.85 1.30 20.03
N GLU C 226 38.67 2.57 20.39
CA GLU C 226 37.61 3.03 21.32
C GLU C 226 36.27 2.83 20.63
N LEU C 227 36.11 3.37 19.41
CA LEU C 227 34.85 3.27 18.60
C LEU C 227 34.38 1.83 18.61
N SER C 228 35.28 0.91 18.27
CA SER C 228 35.12 -0.56 18.34
C SER C 228 34.87 -0.98 19.81
N LYS C 229 35.93 -1.18 20.61
CA LYS C 229 35.93 -1.93 21.91
C LYS C 229 34.61 -1.75 22.68
N ASN C 230 33.64 -2.65 22.47
CA ASN C 230 32.23 -2.59 22.99
C ASN C 230 31.21 -3.18 22.00
N ALA C 231 31.60 -3.44 20.75
CA ALA C 231 30.70 -3.72 19.62
C ALA C 231 30.17 -5.16 19.69
N LYS C 232 28.96 -5.38 19.16
CA LYS C 232 28.30 -6.71 19.03
C LYS C 232 28.44 -7.19 17.59
N SER C 233 28.43 -8.51 17.39
CA SER C 233 28.71 -9.18 16.09
C SER C 233 27.50 -10.04 15.71
N SER C 234 27.35 -10.34 14.43
CA SER C 234 26.30 -11.24 13.88
C SER C 234 26.54 -12.68 14.37
N SER C 235 25.79 -13.65 13.84
CA SER C 235 25.90 -15.10 14.15
C SER C 235 25.52 -15.93 12.91
N SER C 240 19.12 -13.88 12.00
CA SER C 240 17.66 -13.59 12.02
C SER C 240 17.23 -12.92 13.34
N SER C 241 17.99 -11.90 13.79
CA SER C 241 17.71 -11.10 15.00
C SER C 241 16.75 -9.95 14.66
N GLU C 242 16.44 -9.11 15.66
CA GLU C 242 15.73 -7.82 15.47
C GLU C 242 16.78 -6.71 15.27
N SER C 243 17.18 -6.03 16.35
CA SER C 243 17.94 -4.77 16.29
C SER C 243 19.30 -4.99 15.59
N GLY C 244 20.03 -6.03 16.02
CA GLY C 244 21.45 -6.25 15.67
C GLY C 244 21.63 -6.63 14.20
N PRO C 245 22.88 -6.60 13.66
CA PRO C 245 23.15 -7.02 12.28
C PRO C 245 23.09 -8.55 12.16
N PHE C 246 22.90 -9.06 10.94
CA PHE C 246 22.75 -10.51 10.63
C PHE C 246 23.43 -10.79 9.29
N ASN C 247 24.15 -11.91 9.22
CA ASN C 247 25.02 -12.28 8.07
C ASN C 247 24.20 -13.15 7.11
N LEU C 248 24.14 -12.72 5.85
CA LEU C 248 23.45 -13.42 4.73
C LEU C 248 23.84 -14.90 4.72
N ARG C 249 25.07 -15.22 5.13
CA ARG C 249 25.71 -16.55 4.92
C ARG C 249 25.66 -17.40 6.19
N SER C 250 25.35 -16.83 7.35
CA SER C 250 25.44 -17.53 8.67
C SER C 250 24.20 -18.41 8.91
N ARG C 251 23.54 -18.85 7.83
CA ARG C 251 22.50 -19.92 7.79
C ARG C 251 22.68 -20.67 6.47
N ASN C 252 22.58 -22.00 6.48
CA ASN C 252 22.98 -22.86 5.33
C ASN C 252 22.41 -22.29 4.04
N PRO C 253 23.12 -22.42 2.91
CA PRO C 253 22.64 -21.88 1.63
C PRO C 253 21.43 -22.70 1.18
N ILE C 254 20.48 -22.09 0.47
CA ILE C 254 19.27 -22.79 -0.05
C ILE C 254 19.65 -23.62 -1.27
N TYR C 255 20.65 -23.16 -2.05
CA TYR C 255 21.26 -23.89 -3.19
C TYR C 255 22.78 -23.91 -3.03
N SER C 256 23.34 -25.12 -2.98
CA SER C 256 24.81 -25.40 -2.88
C SER C 256 25.15 -26.59 -3.76
N ASN C 257 26.16 -26.46 -4.60
CA ASN C 257 26.76 -27.61 -5.35
C ASN C 257 28.19 -27.19 -5.79
N LYS C 258 28.88 -28.07 -6.52
CA LYS C 258 30.30 -27.92 -6.93
C LYS C 258 30.52 -26.66 -7.80
N PHE C 259 29.44 -25.99 -8.24
CA PHE C 259 29.45 -24.93 -9.29
C PHE C 259 28.98 -23.57 -8.75
N GLY C 260 28.45 -23.49 -7.52
CA GLY C 260 28.05 -22.21 -6.91
C GLY C 260 27.29 -22.37 -5.62
N LYS C 261 27.09 -21.25 -4.91
CA LYS C 261 26.34 -21.13 -3.63
C LYS C 261 25.24 -20.07 -3.80
N PHE C 262 24.10 -20.30 -3.14
CA PHE C 262 22.92 -19.40 -3.08
C PHE C 262 22.46 -19.29 -1.62
N PHE C 263 22.86 -18.22 -0.94
CA PHE C 263 22.35 -17.84 0.40
C PHE C 263 21.27 -16.79 0.19
N GLU C 264 20.24 -16.77 1.02
CA GLU C 264 19.10 -15.82 0.89
C GLU C 264 18.30 -15.74 2.19
N ILE C 265 18.15 -14.54 2.72
CA ILE C 265 17.34 -14.24 3.94
C ILE C 265 16.04 -13.56 3.50
N THR C 266 14.90 -14.15 3.85
CA THR C 266 13.53 -13.71 3.48
C THR C 266 12.87 -13.12 4.71
N PRO C 267 11.69 -12.47 4.57
CA PRO C 267 10.89 -12.02 5.71
C PRO C 267 10.46 -13.17 6.64
N GLU C 268 10.12 -14.31 6.02
CA GLU C 268 9.74 -15.57 6.72
C GLU C 268 10.92 -16.05 7.61
N LYS C 269 12.00 -15.28 7.71
CA LYS C 269 13.29 -15.68 8.36
C LYS C 269 14.05 -14.46 8.93
N ASN C 270 13.43 -13.26 8.98
CA ASN C 270 14.03 -12.02 9.56
C ASN C 270 12.98 -10.90 9.60
N GLN C 271 12.72 -10.36 10.80
CA GLN C 271 11.64 -9.37 11.06
C GLN C 271 12.02 -8.02 10.46
N GLN C 272 13.28 -7.61 10.56
CA GLN C 272 13.81 -6.36 9.91
C GLN C 272 13.28 -6.31 8.47
N LEU C 273 13.44 -7.39 7.72
CA LEU C 273 13.06 -7.52 6.30
C LEU C 273 11.53 -7.58 6.15
N GLN C 274 10.80 -8.14 7.12
CA GLN C 274 9.32 -8.29 7.03
C GLN C 274 8.69 -6.92 6.76
N ASP C 275 8.91 -5.96 7.66
CA ASP C 275 8.33 -4.58 7.66
C ASP C 275 8.36 -3.96 6.26
N LEU C 276 9.40 -4.28 5.47
CA LEU C 276 9.68 -3.71 4.13
C LEU C 276 9.32 -4.71 3.03
N ASP C 277 9.06 -5.97 3.39
CA ASP C 277 8.63 -7.07 2.48
C ASP C 277 9.74 -7.41 1.47
N ILE C 278 11.01 -7.22 1.83
CA ILE C 278 12.17 -7.50 0.93
C ILE C 278 12.81 -8.81 1.37
N PHE C 279 13.56 -9.45 0.48
CA PHE C 279 14.56 -10.52 0.78
C PHE C 279 15.92 -10.06 0.27
N VAL C 280 17.00 -10.38 0.99
CA VAL C 280 18.38 -10.04 0.56
C VAL C 280 19.13 -11.35 0.30
N ASN C 281 19.79 -11.48 -0.85
CA ASN C 281 20.50 -12.73 -1.22
C ASN C 281 21.92 -12.41 -1.73
N SER C 282 22.84 -13.34 -1.45
CA SER C 282 24.21 -13.41 -2.02
C SER C 282 24.31 -14.71 -2.80
N VAL C 283 24.95 -14.68 -3.98
CA VAL C 283 25.06 -15.89 -4.83
C VAL C 283 26.46 -15.93 -5.46
N ASP C 284 27.14 -17.06 -5.26
CA ASP C 284 28.47 -17.34 -5.86
C ASP C 284 28.26 -18.31 -7.02
N ILE C 285 28.85 -18.02 -8.18
CA ILE C 285 28.86 -18.86 -9.41
C ILE C 285 30.32 -19.04 -9.82
N LYS C 286 30.91 -20.20 -9.47
CA LYS C 286 32.35 -20.53 -9.64
C LYS C 286 32.78 -20.38 -11.10
N GLU C 287 33.94 -19.76 -11.34
CA GLU C 287 34.56 -19.51 -12.68
C GLU C 287 34.10 -20.58 -13.70
N GLY C 288 33.63 -20.13 -14.87
CA GLY C 288 33.28 -20.99 -16.03
C GLY C 288 32.12 -21.92 -15.73
N SER C 289 31.02 -21.39 -15.20
CA SER C 289 29.80 -22.16 -14.82
C SER C 289 28.55 -21.32 -15.06
N LEU C 290 27.46 -21.67 -14.38
CA LEU C 290 26.08 -21.31 -14.78
C LEU C 290 25.12 -21.41 -13.59
N LEU C 291 24.41 -20.33 -13.28
CA LEU C 291 23.14 -20.34 -12.49
C LEU C 291 22.00 -20.66 -13.48
N LEU C 292 21.28 -21.76 -13.25
CA LEU C 292 20.38 -22.39 -14.27
C LEU C 292 19.13 -21.55 -14.46
N PRO C 293 18.57 -21.50 -15.70
CA PRO C 293 17.34 -20.77 -15.99
C PRO C 293 16.29 -20.91 -14.89
N ASN C 294 15.78 -19.78 -14.40
CA ASN C 294 14.75 -19.72 -13.33
C ASN C 294 14.05 -18.37 -13.39
N TYR C 295 12.83 -18.30 -12.85
CA TYR C 295 12.11 -17.04 -12.61
C TYR C 295 11.63 -17.02 -11.16
N ASN C 296 11.48 -15.80 -10.61
CA ASN C 296 10.85 -15.52 -9.30
C ASN C 296 9.34 -15.32 -9.53
N SER C 297 8.49 -16.03 -8.79
CA SER C 297 7.01 -16.00 -9.00
C SER C 297 6.53 -14.55 -9.10
N ARG C 298 6.89 -13.73 -8.10
CA ARG C 298 6.37 -12.35 -7.93
C ARG C 298 7.47 -11.35 -7.58
N ALA C 299 8.70 -11.80 -7.39
CA ALA C 299 9.76 -10.92 -6.85
C ALA C 299 10.45 -10.20 -8.01
N ILE C 300 10.74 -8.92 -7.81
CA ILE C 300 11.63 -8.11 -8.68
C ILE C 300 12.96 -7.95 -7.94
N VAL C 301 14.06 -8.36 -8.57
CA VAL C 301 15.42 -8.32 -7.95
C VAL C 301 16.17 -7.08 -8.48
N ILE C 302 16.88 -6.39 -7.60
CA ILE C 302 18.03 -5.50 -7.96
C ILE C 302 19.30 -6.33 -7.69
N VAL C 303 19.81 -7.00 -8.74
CA VAL C 303 21.08 -7.77 -8.70
C VAL C 303 22.23 -6.79 -8.88
N THR C 304 23.19 -6.81 -7.96
CA THR C 304 24.43 -6.01 -8.00
C THR C 304 25.60 -7.01 -8.05
N VAL C 305 26.75 -6.57 -8.56
CA VAL C 305 27.97 -7.43 -8.79
C VAL C 305 29.11 -6.92 -7.90
N THR C 306 29.55 -7.74 -6.95
CA THR C 306 30.57 -7.38 -5.92
C THR C 306 31.97 -7.67 -6.49
N GLU C 307 32.11 -8.78 -7.20
CA GLU C 307 33.39 -9.27 -7.81
C GLU C 307 33.10 -10.33 -8.88
N GLY C 308 34.04 -10.52 -9.81
CA GLY C 308 33.97 -11.49 -10.93
C GLY C 308 33.58 -10.82 -12.22
N LYS C 309 33.38 -11.61 -13.29
CA LYS C 309 32.82 -11.16 -14.60
C LYS C 309 31.91 -12.27 -15.15
N GLY C 310 31.15 -11.99 -16.20
CA GLY C 310 30.18 -12.94 -16.80
C GLY C 310 29.11 -12.22 -17.60
N ASP C 311 28.11 -12.95 -18.09
CA ASP C 311 26.92 -12.36 -18.78
C ASP C 311 25.64 -12.93 -18.13
N PHE C 312 24.49 -12.29 -18.38
CA PHE C 312 23.14 -12.80 -18.03
C PHE C 312 22.23 -12.72 -19.27
N GLU C 313 21.40 -13.75 -19.42
CA GLU C 313 20.33 -13.85 -20.45
C GLU C 313 18.97 -13.73 -19.73
N LEU C 314 18.18 -12.73 -20.11
CA LEU C 314 16.82 -12.47 -19.58
C LEU C 314 15.82 -12.68 -20.73
N VAL C 315 14.69 -13.36 -20.47
CA VAL C 315 13.61 -13.61 -21.47
C VAL C 315 12.40 -12.73 -21.16
N GLY C 316 11.93 -11.93 -22.13
CA GLY C 316 10.93 -10.85 -21.92
C GLY C 316 10.07 -10.57 -23.15
N GLN C 317 9.90 -9.30 -23.54
CA GLN C 317 9.14 -8.84 -24.74
C GLN C 317 9.90 -7.70 -25.46
N SER C 337 3.05 -8.36 -26.47
CA SER C 337 2.38 -9.56 -27.04
C SER C 337 3.44 -10.53 -27.60
N LYS C 338 3.00 -11.56 -28.34
CA LYS C 338 3.84 -12.64 -28.93
C LYS C 338 5.05 -12.02 -29.63
N GLN C 339 6.12 -11.79 -28.87
CA GLN C 339 7.42 -11.31 -29.34
C GLN C 339 8.39 -11.39 -28.16
N VAL C 340 8.43 -12.57 -27.53
CA VAL C 340 9.48 -12.97 -26.55
C VAL C 340 10.83 -12.59 -27.14
N GLN C 341 11.49 -11.57 -26.57
CA GLN C 341 12.83 -11.07 -26.98
C GLN C 341 13.80 -11.35 -25.83
N LEU C 342 15.04 -11.76 -26.13
CA LEU C 342 16.07 -12.05 -25.09
C LEU C 342 16.85 -10.76 -24.83
N TYR C 343 17.24 -10.55 -23.57
CA TYR C 343 18.05 -9.41 -23.09
C TYR C 343 19.38 -9.94 -22.55
N ARG C 344 20.43 -9.79 -23.36
CA ARG C 344 21.84 -10.10 -23.03
C ARG C 344 22.46 -8.87 -22.35
N ALA C 345 23.58 -9.08 -21.65
CA ALA C 345 24.54 -8.04 -21.20
C ALA C 345 25.73 -8.73 -20.54
N LYS C 346 26.90 -8.07 -20.58
CA LYS C 346 28.11 -8.56 -19.89
C LYS C 346 28.11 -7.94 -18.48
N LEU C 347 28.54 -8.71 -17.50
CA LEU C 347 28.57 -8.30 -16.08
C LEU C 347 30.01 -7.99 -15.68
N SER C 348 30.22 -6.92 -14.91
CA SER C 348 31.51 -6.59 -14.25
C SER C 348 31.23 -6.05 -12.85
N PRO C 349 32.22 -5.99 -11.94
CA PRO C 349 31.99 -5.35 -10.65
C PRO C 349 31.41 -3.94 -10.85
N GLY C 350 30.58 -3.51 -9.90
CA GLY C 350 29.90 -2.20 -9.88
C GLY C 350 28.54 -2.25 -10.55
N ASP C 351 28.34 -3.23 -11.45
CA ASP C 351 27.20 -3.29 -12.39
C ASP C 351 25.94 -3.81 -11.68
N VAL C 352 24.79 -3.26 -12.06
CA VAL C 352 23.44 -3.71 -11.64
C VAL C 352 22.67 -4.21 -12.86
N PHE C 353 21.81 -5.21 -12.69
CA PHE C 353 20.68 -5.51 -13.60
C PHE C 353 19.44 -5.81 -12.75
N VAL C 354 18.29 -5.90 -13.39
CA VAL C 354 16.95 -6.03 -12.73
C VAL C 354 16.21 -7.21 -13.34
N ILE C 355 15.78 -8.18 -12.50
CA ILE C 355 15.02 -9.42 -12.87
C ILE C 355 13.54 -9.23 -12.53
N PRO C 356 12.74 -8.57 -13.40
CA PRO C 356 11.33 -8.38 -13.09
C PRO C 356 10.68 -9.76 -12.92
N ALA C 357 9.82 -9.90 -11.92
CA ALA C 357 9.07 -11.14 -11.65
C ALA C 357 8.70 -11.81 -12.99
N GLY C 358 8.77 -13.13 -13.03
CA GLY C 358 8.34 -13.91 -14.19
C GLY C 358 9.45 -14.01 -15.22
N HIS C 359 10.00 -12.89 -15.68
CA HIS C 359 11.11 -12.86 -16.67
C HIS C 359 12.17 -13.88 -16.23
N PRO C 360 12.35 -15.02 -16.93
CA PRO C 360 13.40 -15.99 -16.58
C PRO C 360 14.79 -15.43 -16.88
N VAL C 361 15.83 -15.95 -16.20
CA VAL C 361 17.22 -15.42 -16.27
C VAL C 361 18.23 -16.57 -16.15
N ALA C 362 19.34 -16.48 -16.91
CA ALA C 362 20.54 -17.35 -16.79
C ALA C 362 21.74 -16.47 -16.44
N ILE C 363 22.67 -16.97 -15.62
CA ILE C 363 23.87 -16.22 -15.16
C ILE C 363 25.11 -17.09 -15.34
N ASN C 364 26.02 -16.69 -16.24
CA ASN C 364 27.31 -17.35 -16.56
C ASN C 364 28.44 -16.48 -15.98
N ALA C 365 29.44 -17.14 -15.35
CA ALA C 365 30.62 -16.51 -14.71
C ALA C 365 31.87 -16.77 -15.55
N SER C 366 32.62 -15.71 -15.92
CA SER C 366 33.95 -15.76 -16.60
C SER C 366 35.02 -16.12 -15.56
N SER C 367 35.23 -15.24 -14.56
CA SER C 367 36.04 -15.46 -13.33
C SER C 367 35.12 -15.88 -12.16
N ASP C 368 35.59 -15.84 -10.91
CA ASP C 368 34.78 -16.28 -9.73
C ASP C 368 33.79 -15.17 -9.38
N LEU C 369 32.53 -15.30 -9.84
CA LEU C 369 31.48 -14.25 -9.78
C LEU C 369 30.65 -14.38 -8.50
N ASN C 370 30.47 -13.26 -7.79
CA ASN C 370 29.56 -13.12 -6.62
C ASN C 370 28.53 -12.02 -6.91
N LEU C 371 27.27 -12.24 -6.51
CA LEU C 371 26.13 -11.32 -6.76
C LEU C 371 25.40 -11.05 -5.43
N ILE C 372 24.87 -9.83 -5.28
CA ILE C 372 24.02 -9.38 -4.14
C ILE C 372 22.71 -8.83 -4.72
N GLY C 373 21.61 -9.54 -4.48
CA GLY C 373 20.27 -9.20 -5.00
C GLY C 373 19.30 -8.83 -3.89
N PHE C 374 18.60 -7.71 -4.04
CA PHE C 374 17.41 -7.34 -3.21
C PHE C 374 16.13 -7.66 -4.00
N GLY C 375 15.38 -8.66 -3.56
CA GLY C 375 14.06 -8.99 -4.13
C GLY C 375 12.98 -8.12 -3.52
N ILE C 376 12.27 -7.32 -4.34
CA ILE C 376 11.08 -6.53 -3.93
C ILE C 376 9.83 -7.42 -4.03
N ASN C 377 8.89 -7.26 -3.08
CA ASN C 377 7.68 -8.12 -2.95
C ASN C 377 8.12 -9.56 -2.69
N ALA C 378 8.89 -9.79 -1.63
CA ALA C 378 9.52 -11.08 -1.28
C ALA C 378 8.48 -12.06 -0.76
N GLU C 379 7.73 -11.64 0.26
CA GLU C 379 6.67 -12.44 0.91
C GLU C 379 6.02 -13.31 -0.17
N ASN C 380 6.13 -14.63 -0.01
CA ASN C 380 5.49 -15.65 -0.87
C ASN C 380 6.14 -15.74 -2.25
N ASN C 381 7.17 -14.96 -2.55
CA ASN C 381 7.91 -15.19 -3.81
C ASN C 381 8.26 -16.69 -3.86
N GLU C 382 8.31 -17.26 -5.07
CA GLU C 382 8.67 -18.67 -5.32
C GLU C 382 9.49 -18.81 -6.61
N ARG C 383 10.77 -19.17 -6.47
CA ARG C 383 11.77 -19.25 -7.57
C ARG C 383 11.76 -20.65 -8.17
N ASN C 384 11.22 -20.78 -9.39
CA ASN C 384 11.11 -22.07 -10.12
C ASN C 384 12.21 -22.12 -11.20
N PHE C 385 12.96 -23.23 -11.25
CA PHE C 385 13.98 -23.52 -12.28
C PHE C 385 13.32 -24.25 -13.46
N LEU C 386 13.93 -24.11 -14.63
CA LEU C 386 13.48 -24.71 -15.92
C LEU C 386 14.53 -25.70 -16.43
N ALA C 387 15.31 -26.33 -15.53
CA ALA C 387 16.40 -27.28 -15.86
C ALA C 387 17.04 -27.82 -14.57
N GLY C 388 17.61 -29.02 -14.65
CA GLY C 388 18.20 -29.75 -13.50
C GLY C 388 17.17 -30.65 -12.84
N GLU C 389 17.54 -31.32 -11.74
CA GLU C 389 16.68 -32.35 -11.10
C GLU C 389 15.62 -31.68 -10.24
N GLU C 390 16.06 -31.04 -9.15
CA GLU C 390 15.18 -30.44 -8.12
C GLU C 390 14.72 -29.06 -8.60
N ASP C 391 13.47 -28.72 -8.27
CA ASP C 391 12.75 -27.44 -8.55
C ASP C 391 12.74 -27.17 -10.06
N ASN C 392 12.62 -28.22 -10.87
CA ASN C 392 12.38 -28.14 -12.34
C ASN C 392 10.87 -28.23 -12.57
N VAL C 393 10.17 -27.09 -12.50
CA VAL C 393 8.68 -27.03 -12.63
C VAL C 393 8.27 -27.70 -13.94
N ILE C 394 8.99 -27.48 -15.04
CA ILE C 394 8.69 -28.08 -16.37
C ILE C 394 8.39 -29.57 -16.15
N SER C 395 9.28 -30.29 -15.48
CA SER C 395 9.13 -31.76 -15.24
C SER C 395 7.93 -32.08 -14.33
N GLN C 396 7.25 -31.10 -13.76
CA GLN C 396 6.01 -31.29 -12.94
C GLN C 396 4.77 -31.53 -13.85
N VAL C 397 4.84 -31.01 -15.08
CA VAL C 397 3.84 -31.24 -16.17
C VAL C 397 3.55 -32.76 -16.25
N GLU C 398 2.28 -33.14 -16.46
CA GLU C 398 1.83 -34.54 -16.69
C GLU C 398 2.40 -35.03 -18.02
N ARG C 399 2.79 -36.31 -18.13
CA ARG C 399 3.34 -36.93 -19.37
C ARG C 399 2.47 -36.60 -20.58
N PRO C 400 1.13 -36.83 -20.54
CA PRO C 400 0.26 -36.55 -21.69
C PRO C 400 0.29 -35.10 -22.15
N VAL C 401 0.49 -34.17 -21.20
CA VAL C 401 0.51 -32.69 -21.42
C VAL C 401 1.89 -32.28 -21.92
N LYS C 402 2.96 -32.90 -21.39
CA LYS C 402 4.35 -32.79 -21.90
C LYS C 402 4.35 -33.10 -23.41
N GLU C 403 3.56 -34.09 -23.84
CA GLU C 403 3.40 -34.56 -25.26
C GLU C 403 2.97 -33.41 -26.16
N LEU C 404 1.95 -32.67 -25.72
CA LEU C 404 1.20 -31.62 -26.50
C LEU C 404 2.00 -30.32 -26.50
N ALA C 405 2.47 -29.90 -25.33
CA ALA C 405 3.16 -28.61 -25.07
C ALA C 405 4.43 -28.51 -25.93
N PHE C 406 5.15 -29.62 -26.07
CA PHE C 406 6.44 -29.74 -26.79
C PHE C 406 6.25 -30.62 -28.04
N PRO C 407 6.86 -30.24 -29.18
CA PRO C 407 6.82 -31.07 -30.39
C PRO C 407 7.09 -32.54 -30.06
N GLY C 408 8.14 -32.80 -29.27
CA GLY C 408 8.66 -34.16 -28.96
C GLY C 408 7.66 -35.02 -28.23
N SER C 409 7.92 -36.33 -28.17
CA SER C 409 7.11 -37.29 -27.39
C SER C 409 7.47 -37.13 -25.91
N SER C 410 6.69 -37.74 -25.01
CA SER C 410 6.81 -37.56 -23.55
C SER C 410 8.06 -38.30 -23.03
N HIS C 411 8.33 -39.51 -23.52
CA HIS C 411 9.54 -40.29 -23.17
C HIS C 411 10.78 -39.57 -23.74
N GLU C 412 10.58 -38.64 -24.69
CA GLU C 412 11.66 -37.84 -25.34
C GLU C 412 11.93 -36.55 -24.57
N VAL C 413 10.92 -35.98 -23.90
CA VAL C 413 11.07 -34.83 -22.96
C VAL C 413 11.70 -35.38 -21.67
N ASP C 414 11.02 -36.34 -21.03
CA ASP C 414 11.39 -36.95 -19.73
C ASP C 414 12.85 -37.45 -19.73
N ARG C 415 13.50 -37.60 -20.89
CA ARG C 415 14.91 -38.08 -21.02
C ARG C 415 15.89 -36.90 -21.13
N LEU C 416 15.50 -35.83 -21.85
CA LEU C 416 16.33 -34.62 -22.06
C LEU C 416 16.43 -33.82 -20.74
N LEU C 417 15.43 -33.94 -19.88
CA LEU C 417 15.38 -33.27 -18.55
C LEU C 417 16.26 -34.02 -17.55
N LYS C 418 16.44 -35.34 -17.76
CA LYS C 418 17.34 -36.20 -16.94
C LYS C 418 18.76 -36.19 -17.51
N ASN C 419 19.06 -35.33 -18.49
CA ASN C 419 20.42 -35.17 -19.06
C ASN C 419 21.29 -34.32 -18.12
N GLN C 420 20.71 -33.27 -17.50
CA GLN C 420 21.35 -32.46 -16.43
C GLN C 420 21.03 -33.10 -15.08
N LYS C 421 22.00 -33.84 -14.51
CA LYS C 421 21.93 -34.49 -13.17
C LYS C 421 22.14 -33.43 -12.08
N GLN C 422 22.61 -32.24 -12.48
CA GLN C 422 22.83 -31.08 -11.58
C GLN C 422 21.50 -30.44 -11.18
N SER C 423 21.57 -29.50 -10.23
CA SER C 423 20.44 -28.68 -9.74
C SER C 423 20.95 -27.26 -9.40
N TYR C 424 20.18 -26.24 -9.77
CA TYR C 424 20.42 -24.82 -9.41
C TYR C 424 21.59 -24.27 -10.23
N PHE C 425 22.79 -24.84 -10.11
CA PHE C 425 24.00 -24.43 -10.89
C PHE C 425 24.59 -25.61 -11.65
N ALA C 426 25.23 -25.34 -12.79
CA ALA C 426 25.90 -26.34 -13.66
C ALA C 426 27.17 -25.72 -14.28
N ASN C 427 27.71 -26.32 -15.36
CA ASN C 427 28.91 -25.82 -16.08
C ASN C 427 28.46 -25.15 -17.39
N ALA C 428 29.28 -24.20 -17.88
CA ALA C 428 29.10 -23.48 -19.17
C ALA C 428 29.31 -24.46 -20.33
#